data_6BXN
#
_entry.id   6BXN
#
_cell.length_a   31.476
_cell.length_b   127.190
_cell.length_c   142.462
_cell.angle_alpha   90.00
_cell.angle_beta   90.00
_cell.angle_gamma   90.00
#
_symmetry.space_group_name_H-M   'P 21 21 21'
#
loop_
_entity.id
_entity.type
_entity.pdbx_description
1 polymer 'Diphthamide biosynthesis enzyme Dph2'
2 non-polymer 'IRON/SULFUR CLUSTER'
3 non-polymer S-ADENOSYLMETHIONINE
4 water water
#
_entity_poly.entity_id   1
_entity_poly.type   'polypeptide(L)'
_entity_poly.pdbx_seq_one_letter_code
;GSHMSEQFDFDLERILKTIKDKNCKKVGLQFPEGLKRQAINIAREIEEKTRANVIISGNPCFGACDIDTILAGSVDILFH
FGHAGMGEYENVVFIEARSNIDIIPAVKTALNLLKANRIGLITTVQHVHKLEEACKVIKEYGKECVIGKGDPRAIYPGQV
LGCNFTAARVDCEEFIYIGSGIFHPLGVAIATKKRVIAADPFLNQAVEVSPERFLRKRGGYIAKATGAKIFGIIVSTKSG
QYRMKLAQKLKEIADKHGKIGYIILMDLVTPEQLLAFKADAYVNTACPRITIDDAERFHAPVLTPQEFEIVLGERRWENM
EMDEMIQ
;
_entity_poly.pdbx_strand_id   A,B
#
loop_
_chem_comp.id
_chem_comp.type
_chem_comp.name
_chem_comp.formula
SAM non-polymer S-ADENOSYLMETHIONINE 'C15 H22 N6 O5 S'
SF4 non-polymer 'IRON/SULFUR CLUSTER' 'Fe4 S4'
#
# COMPACT_ATOMS: atom_id res chain seq x y z
N ASP A 11 10.03 27.55 -8.59
CA ASP A 11 10.87 26.61 -9.32
C ASP A 11 10.14 26.15 -10.57
N LEU A 12 8.86 26.49 -10.64
CA LEU A 12 7.99 25.95 -11.69
C LEU A 12 8.51 26.26 -13.09
N GLU A 13 9.28 27.35 -13.24
CA GLU A 13 9.80 27.68 -14.57
C GLU A 13 10.92 26.74 -15.00
N ARG A 14 11.77 26.32 -14.06
CA ARG A 14 12.78 25.30 -14.37
C ARG A 14 12.11 23.99 -14.79
N ILE A 15 10.98 23.66 -14.17
CA ILE A 15 10.29 22.44 -14.55
C ILE A 15 9.77 22.54 -15.97
N LEU A 16 9.11 23.65 -16.30
CA LEU A 16 8.58 23.83 -17.65
C LEU A 16 9.70 23.84 -18.68
N LYS A 17 10.81 24.51 -18.37
CA LYS A 17 11.93 24.55 -19.32
C LYS A 17 12.56 23.17 -19.46
N THR A 18 12.64 22.40 -18.37
CA THR A 18 13.23 21.06 -18.47
C THR A 18 12.38 20.16 -19.34
N ILE A 19 11.05 20.30 -19.25
CA ILE A 19 10.15 19.47 -20.05
C ILE A 19 10.26 19.83 -21.53
N LYS A 20 10.11 21.12 -21.86
CA LYS A 20 10.21 21.55 -23.25
C LYS A 20 11.57 21.20 -23.84
N ASP A 21 12.65 21.55 -23.12
CA ASP A 21 14.01 21.29 -23.61
C ASP A 21 14.28 19.80 -23.79
N LYS A 22 13.71 18.97 -22.94
CA LYS A 22 13.80 17.53 -23.18
C LYS A 22 12.62 17.01 -23.97
N ASN A 23 11.75 17.91 -24.41
CA ASN A 23 10.49 17.58 -25.12
C ASN A 23 9.82 16.36 -24.49
N CYS A 24 9.70 16.39 -23.16
CA CYS A 24 9.09 15.29 -22.43
C CYS A 24 7.63 15.10 -22.85
N LYS A 25 7.25 13.85 -23.04
N LYS A 25 7.25 13.85 -23.04
CA LYS A 25 5.88 13.51 -23.41
CA LYS A 25 5.89 13.49 -23.42
C LYS A 25 5.04 13.03 -22.24
C LYS A 25 5.06 13.06 -22.23
N LYS A 26 5.65 12.30 -21.30
CA LYS A 26 4.98 11.83 -20.10
C LYS A 26 5.80 12.28 -18.90
N VAL A 27 5.13 12.86 -17.91
CA VAL A 27 5.78 13.50 -16.76
C VAL A 27 5.14 12.99 -15.47
N GLY A 28 5.97 12.57 -14.54
CA GLY A 28 5.51 12.10 -13.23
C GLY A 28 5.80 13.16 -12.18
N LEU A 29 4.85 13.35 -11.26
CA LEU A 29 5.05 14.22 -10.09
C LEU A 29 4.95 13.41 -8.80
N GLN A 30 5.88 13.65 -7.87
CA GLN A 30 5.84 13.03 -6.55
C GLN A 30 6.10 14.09 -5.49
N PHE A 31 5.27 14.11 -4.45
CA PHE A 31 5.25 15.09 -3.37
C PHE A 31 5.30 14.47 -1.98
N PRO A 32 6.02 15.09 -1.03
CA PRO A 32 5.79 14.80 0.39
C PRO A 32 4.35 15.12 0.78
N GLU A 33 3.90 14.56 1.91
CA GLU A 33 2.52 14.80 2.31
C GLU A 33 2.20 16.29 2.43
N GLY A 34 3.16 17.09 2.91
CA GLY A 34 2.91 18.50 3.07
C GLY A 34 2.65 19.27 1.79
N LEU A 35 2.82 18.63 0.63
CA LEU A 35 2.79 19.37 -0.61
C LEU A 35 1.83 18.79 -1.64
N LYS A 36 1.20 17.64 -1.36
CA LYS A 36 0.20 17.09 -2.29
C LYS A 36 -0.95 18.05 -2.53
N ARG A 37 -1.24 18.95 -1.59
CA ARG A 37 -2.23 20.00 -1.79
C ARG A 37 -1.93 20.86 -3.01
N GLN A 38 -0.72 20.77 -3.56
CA GLN A 38 -0.32 21.57 -4.71
C GLN A 38 -0.31 20.76 -5.99
N ALA A 39 -0.44 19.44 -5.87
CA ALA A 39 -0.24 18.53 -7.00
C ALA A 39 -1.10 18.89 -8.19
N ILE A 40 -2.41 19.05 -7.95
CA ILE A 40 -3.34 19.26 -9.07
C ILE A 40 -3.07 20.58 -9.76
N ASN A 41 -2.66 21.58 -9.00
CA ASN A 41 -2.35 22.87 -9.63
C ASN A 41 -1.10 22.78 -10.49
N ILE A 42 -0.09 22.06 -10.01
CA ILE A 42 1.16 21.94 -10.76
C ILE A 42 0.94 21.13 -12.03
N ALA A 43 0.19 20.03 -11.93
CA ALA A 43 -0.18 19.27 -13.11
C ALA A 43 -0.93 20.13 -14.11
N ARG A 44 -1.83 21.01 -13.61
CA ARG A 44 -2.55 21.92 -14.50
C ARG A 44 -1.59 22.82 -15.29
N GLU A 45 -0.65 23.49 -14.59
CA GLU A 45 0.31 24.35 -15.25
C GLU A 45 1.08 23.59 -16.33
N ILE A 46 1.52 22.38 -16.01
CA ILE A 46 2.34 21.60 -16.93
C ILE A 46 1.52 21.22 -18.15
N GLU A 47 0.30 20.71 -17.94
CA GLU A 47 -0.48 20.28 -19.09
C GLU A 47 -0.99 21.47 -19.91
N GLU A 48 -1.16 22.64 -19.29
CA GLU A 48 -1.61 23.81 -20.03
C GLU A 48 -0.47 24.45 -20.79
N LYS A 49 0.73 24.48 -20.22
CA LYS A 49 1.85 25.20 -20.81
C LYS A 49 2.83 24.30 -21.57
N THR A 50 2.64 22.98 -21.52
CA THR A 50 3.44 22.06 -22.32
C THR A 50 2.51 21.09 -23.02
N ARG A 51 3.09 20.18 -23.78
CA ARG A 51 2.36 19.07 -24.36
C ARG A 51 2.53 17.78 -23.56
N ALA A 52 3.17 17.85 -22.41
CA ALA A 52 3.36 16.65 -21.61
C ALA A 52 2.05 16.25 -20.94
N ASN A 53 1.86 14.95 -20.77
CA ASN A 53 0.80 14.39 -19.97
C ASN A 53 1.38 14.03 -18.61
N VAL A 54 0.66 14.38 -17.55
CA VAL A 54 1.16 14.23 -16.19
C VAL A 54 0.53 13.02 -15.52
N ILE A 55 1.31 12.32 -14.72
CA ILE A 55 0.80 11.33 -13.79
C ILE A 55 1.33 11.70 -12.41
N ILE A 56 0.43 11.86 -11.45
CA ILE A 56 0.79 12.15 -10.05
C ILE A 56 0.86 10.84 -9.27
N SER A 57 1.94 10.66 -8.53
CA SER A 57 1.99 9.55 -7.59
C SER A 57 1.00 9.78 -6.45
N GLY A 58 0.12 8.82 -6.20
CA GLY A 58 -0.82 8.95 -5.10
C GLY A 58 -0.42 8.30 -3.78
N ASN A 59 0.74 7.66 -3.71
CA ASN A 59 1.16 7.01 -2.47
C ASN A 59 1.75 8.00 -1.49
N PRO A 60 1.74 7.65 -0.20
CA PRO A 60 2.52 8.41 0.77
C PRO A 60 3.98 8.48 0.33
N CYS A 61 4.64 9.59 0.69
CA CYS A 61 6.04 9.76 0.31
C CYS A 61 6.77 10.50 1.42
N PHE A 62 7.78 9.86 2.00
CA PHE A 62 8.36 10.36 3.24
C PHE A 62 9.71 11.03 3.03
N GLY A 63 10.24 11.01 1.82
CA GLY A 63 11.56 11.54 1.57
C GLY A 63 12.12 11.05 0.25
N ALA A 64 13.35 11.51 -0.03
CA ALA A 64 14.11 11.03 -1.17
C ALA A 64 14.52 9.57 -1.05
N CYS A 65 14.38 8.99 0.13
CA CYS A 65 14.48 7.56 0.39
C CYS A 65 13.23 6.81 -0.08
N ASP A 66 12.25 7.51 -0.66
CA ASP A 66 10.94 6.93 -0.94
C ASP A 66 10.51 7.34 -2.34
N ILE A 67 11.36 7.01 -3.32
CA ILE A 67 11.13 7.38 -4.72
C ILE A 67 10.05 6.46 -5.29
N ASP A 68 9.12 7.03 -6.03
CA ASP A 68 8.13 6.18 -6.69
C ASP A 68 8.79 5.62 -7.95
N THR A 69 9.54 4.51 -7.80
CA THR A 69 10.29 3.96 -8.94
C THR A 69 9.38 3.31 -9.97
N ILE A 70 8.21 2.82 -9.58
CA ILE A 70 7.25 2.34 -10.56
C ILE A 70 6.80 3.48 -11.47
N LEU A 71 6.42 4.61 -10.87
CA LEU A 71 6.07 5.78 -11.68
C LEU A 71 7.25 6.22 -12.53
N ALA A 72 8.45 6.22 -11.94
CA ALA A 72 9.64 6.67 -12.67
C ALA A 72 9.90 5.80 -13.90
N GLY A 73 9.69 4.49 -13.80
CA GLY A 73 9.88 3.65 -14.97
C GLY A 73 8.77 3.74 -16.00
N SER A 74 7.79 4.61 -15.81
CA SER A 74 6.67 4.77 -16.73
C SER A 74 6.62 6.13 -17.41
N VAL A 75 7.48 7.06 -17.04
CA VAL A 75 7.43 8.42 -17.54
C VAL A 75 8.81 8.77 -18.08
N ASP A 76 8.89 9.85 -18.86
CA ASP A 76 10.19 10.30 -19.33
C ASP A 76 10.96 11.00 -18.21
N ILE A 77 10.25 11.71 -17.35
CA ILE A 77 10.90 12.39 -16.25
C ILE A 77 9.94 12.41 -15.06
N LEU A 78 10.42 11.96 -13.90
CA LEU A 78 9.69 12.08 -12.63
C LEU A 78 10.23 13.27 -11.85
N PHE A 79 9.36 14.19 -11.46
CA PHE A 79 9.74 15.33 -10.63
C PHE A 79 9.36 15.02 -9.18
N HIS A 80 10.36 15.00 -8.31
CA HIS A 80 10.19 14.61 -6.92
C HIS A 80 10.49 15.83 -6.06
N PHE A 81 9.52 16.23 -5.24
CA PHE A 81 9.52 17.54 -4.60
C PHE A 81 9.90 17.46 -3.13
N GLY A 82 10.36 18.59 -2.58
CA GLY A 82 10.53 18.73 -1.15
C GLY A 82 11.81 18.16 -0.57
N HIS A 83 12.55 17.33 -1.29
CA HIS A 83 13.72 16.69 -0.73
C HIS A 83 14.90 16.90 -1.66
N ALA A 84 16.09 16.91 -1.06
CA ALA A 84 17.33 16.82 -1.81
C ALA A 84 17.56 15.38 -2.24
N GLY A 85 18.22 15.22 -3.37
CA GLY A 85 18.36 13.92 -3.99
C GLY A 85 19.02 12.88 -3.10
N MET A 86 18.94 11.64 -3.58
CA MET A 86 19.47 10.47 -2.90
C MET A 86 19.58 9.35 -3.93
N GLY A 87 20.68 8.61 -3.88
CA GLY A 87 20.87 7.55 -4.85
C GLY A 87 21.19 8.07 -6.25
N GLU A 88 20.78 7.30 -7.25
CA GLU A 88 20.94 7.72 -8.64
C GLU A 88 19.91 6.96 -9.49
N TYR A 89 18.85 7.66 -9.89
CA TYR A 89 17.90 7.19 -10.89
C TYR A 89 17.96 8.16 -12.05
N GLU A 90 18.06 7.63 -13.27
CA GLU A 90 18.44 8.47 -14.40
C GLU A 90 17.40 9.56 -14.68
N ASN A 91 16.11 9.30 -14.45
CA ASN A 91 15.09 10.24 -14.92
C ASN A 91 14.32 10.92 -13.80
N VAL A 92 14.88 10.98 -12.59
CA VAL A 92 14.25 11.66 -11.46
C VAL A 92 14.96 12.98 -11.22
N VAL A 93 14.20 14.07 -11.23
CA VAL A 93 14.70 15.40 -10.91
C VAL A 93 14.20 15.80 -9.53
N PHE A 94 15.11 16.21 -8.66
CA PHE A 94 14.75 16.66 -7.33
C PHE A 94 14.55 18.17 -7.30
N ILE A 95 13.31 18.58 -7.05
CA ILE A 95 12.97 19.97 -6.83
C ILE A 95 13.04 20.18 -5.33
N GLU A 96 14.07 20.92 -4.90
N GLU A 96 14.15 20.72 -4.84
CA GLU A 96 14.46 20.97 -3.49
CA GLU A 96 14.28 20.92 -3.41
C GLU A 96 13.37 21.57 -2.61
C GLU A 96 13.39 22.08 -2.99
N ALA A 97 12.86 22.74 -2.99
N ALA A 97 12.80 21.95 -1.81
CA ALA A 97 11.96 23.55 -2.16
CA ALA A 97 11.96 23.01 -1.25
C ALA A 97 12.61 23.92 -0.84
C ALA A 97 12.77 23.75 -0.19
N ARG A 98 13.08 25.16 -0.73
N ARG A 98 13.12 24.99 -0.49
CA ARG A 98 13.78 25.65 0.45
CA ARG A 98 13.91 25.81 0.41
C ARG A 98 12.90 26.62 1.23
C ARG A 98 12.98 26.73 1.21
N SER A 99 13.18 26.77 2.52
CA SER A 99 12.45 27.69 3.37
C SER A 99 13.07 29.08 3.28
N ASN A 100 12.23 30.09 3.09
CA ASN A 100 12.68 31.47 2.95
C ASN A 100 12.96 32.14 4.28
N ILE A 101 12.72 31.46 5.41
CA ILE A 101 12.80 32.12 6.71
C ILE A 101 14.23 32.55 7.00
N ASP A 102 14.36 33.51 7.91
CA ASP A 102 15.65 34.00 8.38
C ASP A 102 16.08 33.19 9.61
N ILE A 103 17.29 32.62 9.56
CA ILE A 103 17.76 31.80 10.68
C ILE A 103 18.73 32.55 11.58
N ILE A 104 19.16 33.74 11.19
CA ILE A 104 20.13 34.50 11.98
C ILE A 104 19.55 34.93 13.34
N PRO A 105 18.25 35.23 13.47
CA PRO A 105 17.70 35.40 14.83
C PRO A 105 17.95 34.21 15.74
N ALA A 106 17.78 33.00 15.22
CA ALA A 106 17.94 31.82 16.05
C ALA A 106 19.40 31.55 16.38
N VAL A 107 20.31 31.81 15.43
CA VAL A 107 21.72 31.59 15.65
C VAL A 107 22.20 32.43 16.83
N LEU A 113 24.51 30.42 24.42
CA LEU A 113 24.51 29.26 25.29
C LEU A 113 25.74 28.40 25.11
N LEU A 114 26.58 28.78 24.14
CA LEU A 114 27.72 27.95 23.76
C LEU A 114 28.82 27.99 24.84
N LYS A 115 29.73 27.03 24.75
CA LYS A 115 30.84 26.89 25.68
C LYS A 115 32.16 26.66 24.94
N ALA A 116 32.13 25.95 23.83
CA ALA A 116 33.33 25.55 23.11
C ALA A 116 33.73 26.59 22.08
N ASN A 117 34.96 26.47 21.58
CA ASN A 117 35.50 27.43 20.61
C ASN A 117 35.28 26.99 19.18
N ARG A 118 35.24 25.68 18.91
CA ARG A 118 34.90 25.17 17.60
C ARG A 118 33.45 24.71 17.66
N ILE A 119 32.59 25.34 16.85
CA ILE A 119 31.15 25.12 16.90
C ILE A 119 30.69 24.61 15.54
N GLY A 120 29.94 23.51 15.54
CA GLY A 120 29.47 22.88 14.32
C GLY A 120 28.06 23.33 13.97
N LEU A 121 27.83 23.53 12.67
CA LEU A 121 26.53 23.87 12.13
C LEU A 121 25.93 22.65 11.46
N ILE A 122 24.67 22.35 11.78
CA ILE A 122 23.90 21.30 11.13
C ILE A 122 22.46 21.77 11.06
N THR A 123 21.74 21.34 10.01
CA THR A 123 20.36 21.76 9.78
C THR A 123 19.67 20.71 8.90
N THR A 124 18.47 21.04 8.41
CA THR A 124 17.77 20.21 7.44
C THR A 124 17.85 20.84 6.06
N VAL A 125 17.31 20.14 5.06
CA VAL A 125 17.50 20.56 3.68
C VAL A 125 16.89 21.94 3.43
N GLN A 126 15.77 22.24 4.09
CA GLN A 126 15.08 23.52 3.88
C GLN A 126 15.93 24.73 4.22
N HIS A 127 16.95 24.59 5.07
CA HIS A 127 17.75 25.72 5.48
C HIS A 127 19.22 25.58 5.09
N VAL A 128 19.59 24.58 4.30
CA VAL A 128 21.01 24.30 4.11
C VAL A 128 21.71 25.43 3.35
N HIS A 129 20.95 26.18 2.54
CA HIS A 129 21.55 27.31 1.82
C HIS A 129 21.94 28.45 2.74
N LYS A 130 21.40 28.48 3.95
CA LYS A 130 21.63 29.60 4.86
C LYS A 130 22.74 29.34 5.87
N LEU A 131 23.36 28.16 5.83
CA LEU A 131 24.44 27.87 6.77
C LEU A 131 25.65 28.77 6.54
N GLU A 132 26.01 28.99 5.28
CA GLU A 132 27.29 29.65 4.98
C GLU A 132 27.40 31.00 5.68
N GLU A 133 26.28 31.72 5.78
CA GLU A 133 26.28 33.02 6.43
C GLU A 133 25.95 32.96 7.92
N ALA A 134 25.28 31.89 8.38
CA ALA A 134 25.19 31.67 9.81
C ALA A 134 26.56 31.34 10.38
N CYS A 135 27.43 30.75 9.55
CA CYS A 135 28.79 30.43 9.99
C CYS A 135 29.59 31.69 10.30
N LYS A 136 29.44 32.73 9.46
CA LYS A 136 30.10 34.01 9.70
C LYS A 136 29.74 34.59 11.05
N VAL A 137 28.46 34.53 11.41
CA VAL A 137 28.00 34.95 12.73
C VAL A 137 28.50 33.97 13.81
N CYS A 145 34.17 27.75 13.71
CA CYS A 145 32.99 27.19 13.05
C CYS A 145 33.35 26.40 11.80
N VAL A 146 32.83 25.17 11.72
CA VAL A 146 33.11 24.23 10.64
C VAL A 146 31.82 23.50 10.30
N ILE A 147 31.30 23.70 9.10
CA ILE A 147 30.15 22.93 8.63
C ILE A 147 30.64 21.56 8.17
N GLY A 148 29.85 20.52 8.44
CA GLY A 148 30.27 19.17 8.16
C GLY A 148 29.80 18.67 6.81
N LYS A 149 30.74 18.19 6.00
CA LYS A 149 30.40 17.62 4.71
C LYS A 149 29.76 16.25 4.89
N GLY A 150 28.80 15.94 4.03
CA GLY A 150 28.00 14.74 4.14
C GLY A 150 28.49 13.63 3.23
N ASP A 151 27.54 12.90 2.65
CA ASP A 151 27.82 11.79 1.75
C ASP A 151 26.67 11.66 0.76
N PRO A 152 26.69 10.68 -0.17
CA PRO A 152 25.46 10.46 -0.94
C PRO A 152 24.33 9.86 -0.09
N ILE A 155 23.56 15.00 1.43
CA ILE A 155 24.03 15.55 0.16
C ILE A 155 24.80 16.84 0.39
N TYR A 156 24.21 17.77 1.15
CA TYR A 156 24.80 19.09 1.38
C TYR A 156 25.64 19.10 2.65
N PRO A 157 26.61 20.02 2.73
CA PRO A 157 27.28 20.24 4.00
C PRO A 157 26.26 20.70 5.04
N GLY A 158 26.47 20.26 6.29
CA GLY A 158 25.58 20.61 7.38
C GLY A 158 24.22 19.96 7.37
N GLN A 159 23.84 19.25 6.31
CA GLN A 159 22.55 18.58 6.30
C GLN A 159 22.61 17.30 7.10
N VAL A 160 21.66 17.13 8.02
CA VAL A 160 21.43 15.86 8.69
C VAL A 160 20.02 15.37 8.36
N LEU A 161 19.83 14.06 8.52
CA LEU A 161 18.55 13.40 8.33
C LEU A 161 18.24 12.59 9.59
N GLY A 162 17.00 12.11 9.69
CA GLY A 162 16.68 11.23 10.82
C GLY A 162 17.50 9.95 10.82
N CYS A 163 18.08 9.60 9.68
CA CYS A 163 18.81 8.35 9.46
C CYS A 163 20.26 8.58 9.07
N ASN A 164 20.79 9.78 9.27
CA ASN A 164 22.13 10.07 8.75
C ASN A 164 22.69 11.27 9.49
N PHE A 165 23.80 11.05 10.20
CA PHE A 165 24.43 12.11 11.00
C PHE A 165 25.88 12.35 10.59
N THR A 166 26.25 11.92 9.40
CA THR A 166 27.59 12.15 8.86
C THR A 166 27.99 13.61 8.99
N ALA A 167 27.07 14.54 8.69
CA ALA A 167 27.42 15.96 8.77
C ALA A 167 27.83 16.37 10.19
N ALA A 168 27.48 15.58 11.20
CA ALA A 168 27.91 15.84 12.57
C ALA A 168 29.25 15.20 12.89
N ARG A 169 29.79 14.37 12.01
CA ARG A 169 31.10 13.77 12.23
C ARG A 169 32.17 14.79 11.83
N VAL A 170 32.27 15.82 12.66
CA VAL A 170 33.18 16.93 12.39
C VAL A 170 33.93 17.31 13.67
N GLU A 173 33.36 20.46 18.26
CA GLU A 173 33.40 20.40 19.71
C GLU A 173 32.01 20.51 20.33
N GLU A 174 31.25 21.53 19.95
CA GLU A 174 29.84 21.60 20.28
C GLU A 174 29.04 21.68 18.99
N PHE A 175 27.71 21.83 19.11
CA PHE A 175 26.83 21.84 17.95
C PHE A 175 25.67 22.82 18.13
N ILE A 176 25.34 23.52 17.04
CA ILE A 176 24.08 24.25 16.92
C ILE A 176 23.30 23.65 15.76
N TYR A 177 22.09 23.17 16.06
CA TYR A 177 21.17 22.65 15.05
C TYR A 177 20.17 23.74 14.71
N ILE A 178 19.77 23.81 13.45
CA ILE A 178 18.87 24.84 12.96
C ILE A 178 17.64 24.17 12.37
N GLY A 179 16.52 24.34 13.03
CA GLY A 179 15.27 23.83 12.51
C GLY A 179 14.31 23.56 13.65
N SER A 180 13.22 22.88 13.31
CA SER A 180 12.21 22.49 14.27
C SER A 180 12.40 21.03 14.64
N GLY A 181 11.59 20.56 15.58
CA GLY A 181 11.70 19.19 16.03
C GLY A 181 12.91 18.97 16.92
N ILE A 182 12.90 17.91 17.72
CA ILE A 182 14.03 17.60 18.57
C ILE A 182 14.73 16.29 18.19
N PHE A 183 14.19 15.52 17.23
CA PHE A 183 14.82 14.25 16.90
C PHE A 183 16.22 14.46 16.36
N HIS A 184 16.37 15.39 15.42
CA HIS A 184 17.69 15.63 14.84
C HIS A 184 18.72 16.03 15.87
N PRO A 185 18.49 17.05 16.72
CA PRO A 185 19.53 17.36 17.74
C PRO A 185 19.82 16.21 18.67
N LEU A 186 18.78 15.50 19.12
CA LEU A 186 18.99 14.27 19.89
C LEU A 186 19.92 13.31 19.18
N GLY A 187 19.62 13.01 17.91
CA GLY A 187 20.45 12.06 17.17
C GLY A 187 21.89 12.49 17.11
N VAL A 188 22.13 13.78 16.86
CA VAL A 188 23.49 14.28 16.85
C VAL A 188 24.14 14.14 18.22
N ALA A 189 23.38 14.46 19.27
CA ALA A 189 23.93 14.38 20.63
C ALA A 189 24.29 12.95 21.00
N ILE A 190 23.47 11.99 20.59
CA ILE A 190 23.79 10.59 20.88
C ILE A 190 24.93 10.10 20.01
N ALA A 191 24.92 10.44 18.71
CA ALA A 191 25.89 9.89 17.76
C ALA A 191 27.31 10.44 17.96
N THR A 192 27.47 11.62 18.54
CA THR A 192 28.80 12.19 18.76
C THR A 192 29.12 12.44 20.24
N LYS A 193 28.15 12.33 21.13
CA LYS A 193 28.33 12.57 22.57
C LYS A 193 28.79 14.01 22.86
N LYS A 194 28.38 14.96 22.02
CA LYS A 194 28.68 16.36 22.25
C LYS A 194 27.40 17.11 22.61
N ARG A 195 27.58 18.34 23.09
CA ARG A 195 26.47 19.18 23.46
C ARG A 195 25.86 19.83 22.21
N VAL A 196 24.53 19.92 22.18
CA VAL A 196 23.82 20.44 21.03
C VAL A 196 22.80 21.47 21.52
N ILE A 197 22.79 22.65 20.89
CA ILE A 197 21.75 23.66 21.11
C ILE A 197 20.82 23.63 19.90
N ALA A 198 19.52 23.50 20.17
CA ALA A 198 18.50 23.41 19.11
C ALA A 198 17.79 24.74 18.99
N ALA A 199 17.95 25.41 17.84
CA ALA A 199 17.40 26.74 17.60
C ALA A 199 16.34 26.68 16.50
N ASP A 200 15.08 26.91 16.87
CA ASP A 200 13.98 26.94 15.92
C ASP A 200 13.85 28.32 15.30
N PRO A 201 13.44 28.39 14.04
CA PRO A 201 13.34 29.67 13.35
C PRO A 201 11.90 30.18 13.27
N VAL A 207 17.22 26.06 23.00
CA VAL A 207 17.03 24.79 23.70
C VAL A 207 18.30 23.94 23.66
N GLU A 208 18.77 23.52 24.82
CA GLU A 208 19.86 22.55 24.91
C GLU A 208 19.27 21.15 24.99
N VAL A 209 19.71 20.26 24.10
CA VAL A 209 19.05 18.98 23.91
C VAL A 209 19.56 17.98 24.95
N SER A 210 18.61 17.32 25.63
CA SER A 210 18.92 16.30 26.63
C SER A 210 18.59 14.93 26.08
N PRO A 211 19.59 14.08 25.81
CA PRO A 211 19.31 12.72 25.35
C PRO A 211 18.96 11.75 26.46
N GLU A 212 19.10 12.14 27.73
CA GLU A 212 18.79 11.23 28.83
C GLU A 212 17.33 10.81 28.81
N ARG A 213 16.42 11.75 28.53
CA ARG A 213 15.01 11.41 28.44
C ARG A 213 14.74 10.44 27.31
N PHE A 214 15.50 10.53 26.22
CA PHE A 214 15.31 9.64 25.08
C PHE A 214 15.89 8.25 25.33
N LEU A 215 16.97 8.17 26.12
CA LEU A 215 17.65 6.90 26.34
C LEU A 215 16.97 6.05 27.41
N ARG A 216 16.39 6.70 28.42
CA ARG A 216 15.49 5.98 29.32
C ARG A 216 14.31 5.41 28.56
N LYS A 217 13.74 6.20 27.63
CA LYS A 217 12.63 5.69 26.82
C LYS A 217 13.07 4.45 26.05
N ARG A 218 14.15 4.56 25.29
CA ARG A 218 14.59 3.41 24.52
C ARG A 218 15.00 2.27 25.45
N GLY A 219 15.52 2.61 26.64
CA GLY A 219 15.76 1.58 27.64
C GLY A 219 14.50 0.83 28.02
N GLY A 220 13.37 1.55 28.12
CA GLY A 220 12.13 0.91 28.50
C GLY A 220 11.70 -0.14 27.50
N TYR A 221 11.82 0.16 26.21
CA TYR A 221 11.43 -0.80 25.18
C TYR A 221 12.34 -2.01 25.17
N ILE A 222 13.64 -1.81 25.39
CA ILE A 222 14.56 -2.94 25.45
C ILE A 222 14.15 -3.88 26.58
N ALA A 223 13.87 -3.32 27.75
CA ALA A 223 13.45 -4.13 28.89
C ALA A 223 12.18 -4.92 28.57
N LYS A 224 11.18 -4.28 27.95
CA LYS A 224 9.93 -4.98 27.64
C LYS A 224 10.16 -6.15 26.68
N ALA A 225 11.04 -5.98 25.70
CA ALA A 225 11.33 -7.00 24.70
C ALA A 225 12.31 -8.07 25.18
N THR A 226 12.85 -7.94 26.40
CA THR A 226 13.84 -8.89 26.91
C THR A 226 13.26 -10.30 27.04
N GLY A 227 11.98 -10.42 27.36
CA GLY A 227 11.31 -11.70 27.46
C GLY A 227 10.62 -12.14 26.18
N ALA A 228 10.73 -11.34 25.11
CA ALA A 228 10.20 -11.73 23.81
C ALA A 228 10.91 -12.95 23.26
N LYS A 229 10.13 -13.87 22.69
CA LYS A 229 10.67 -15.08 22.11
C LYS A 229 10.68 -15.08 20.59
N ILE A 230 9.67 -14.46 19.97
CA ILE A 230 9.45 -14.46 18.52
C ILE A 230 9.49 -13.02 18.02
N PHE A 231 10.31 -12.76 17.01
CA PHE A 231 10.49 -11.42 16.45
C PHE A 231 10.06 -11.39 14.99
N GLY A 232 9.31 -10.35 14.62
CA GLY A 232 9.14 -10.03 13.22
C GLY A 232 10.21 -9.03 12.84
N ILE A 233 10.98 -9.33 11.81
CA ILE A 233 12.03 -8.43 11.36
C ILE A 233 11.53 -7.70 10.11
N ILE A 234 11.29 -6.40 10.27
CA ILE A 234 10.61 -5.59 9.26
C ILE A 234 11.60 -5.10 8.19
N VAL A 235 11.29 -5.37 6.93
CA VAL A 235 12.04 -4.85 5.78
C VAL A 235 11.07 -4.08 4.88
N SER A 236 11.47 -2.89 4.46
CA SER A 236 10.66 -2.09 3.55
C SER A 236 11.25 -2.14 2.15
N THR A 237 10.38 -2.33 1.15
CA THR A 237 10.76 -2.24 -0.26
C THR A 237 10.96 -0.79 -0.75
N LYS A 238 10.75 0.22 0.09
CA LYS A 238 10.95 1.58 -0.40
C LYS A 238 12.40 1.76 -0.90
N SER A 239 12.57 2.66 -1.88
CA SER A 239 13.80 2.67 -2.69
C SER A 239 15.05 2.91 -1.85
N GLY A 240 14.98 3.78 -0.84
CA GLY A 240 16.12 3.99 0.01
C GLY A 240 15.98 3.46 1.44
N GLN A 241 15.03 2.56 1.68
CA GLN A 241 14.85 1.97 3.01
C GLN A 241 15.04 0.46 3.04
N TYR A 242 15.36 -0.15 1.92
CA TYR A 242 15.48 -1.59 1.81
C TYR A 242 16.82 -2.03 2.41
N ARG A 243 16.76 -2.85 3.47
CA ARG A 243 17.94 -3.38 4.17
C ARG A 243 17.78 -4.89 4.42
N MET A 244 17.52 -5.65 3.35
CA MET A 244 17.28 -7.09 3.48
C MET A 244 18.51 -7.82 4.01
N LYS A 245 19.71 -7.41 3.59
CA LYS A 245 20.92 -8.11 4.03
C LYS A 245 21.10 -8.01 5.54
N LEU A 246 20.85 -6.81 6.09
CA LEU A 246 20.88 -6.62 7.54
C LEU A 246 19.81 -7.47 8.23
N ALA A 247 18.61 -7.56 7.64
CA ALA A 247 17.55 -8.37 8.23
C ALA A 247 17.95 -9.83 8.33
N GLN A 248 18.59 -10.35 7.29
CA GLN A 248 19.04 -11.73 7.32
C GLN A 248 20.13 -11.92 8.37
N LYS A 249 21.02 -10.94 8.49
CA LYS A 249 21.99 -10.98 9.56
C LYS A 249 21.31 -11.00 10.93
N LEU A 250 20.31 -10.13 11.12
CA LEU A 250 19.60 -10.08 12.40
C LEU A 250 18.87 -11.39 12.69
N LYS A 251 18.34 -12.03 11.66
CA LYS A 251 17.69 -13.34 11.82
C LYS A 251 18.68 -14.39 12.32
N GLU A 252 19.88 -14.42 11.76
CA GLU A 252 20.89 -15.39 12.20
C GLU A 252 21.39 -15.07 13.60
N ILE A 253 21.53 -13.78 13.93
CA ILE A 253 21.98 -13.43 15.27
C ILE A 253 20.93 -13.84 16.31
N ALA A 254 19.64 -13.67 16.00
CA ALA A 254 18.60 -14.14 16.90
C ALA A 254 18.71 -15.65 17.13
N ASP A 255 18.87 -16.41 16.05
CA ASP A 255 18.96 -17.86 16.17
C ASP A 255 20.23 -18.27 16.91
N LYS A 256 21.32 -17.55 16.69
CA LYS A 256 22.54 -17.80 17.45
C LYS A 256 22.33 -17.63 18.96
N HIS A 257 21.31 -16.89 19.36
CA HIS A 257 21.01 -16.69 20.78
C HIS A 257 19.72 -17.36 21.20
N GLY A 258 19.30 -18.40 20.48
CA GLY A 258 18.16 -19.15 20.96
C GLY A 258 16.87 -18.37 20.93
N LYS A 259 16.68 -17.54 19.91
CA LYS A 259 15.42 -16.86 19.64
C LYS A 259 15.13 -16.98 18.16
N ILE A 260 13.97 -16.44 17.72
CA ILE A 260 13.52 -16.59 16.34
C ILE A 260 13.09 -15.24 15.76
N GLY A 261 13.58 -14.94 14.57
CA GLY A 261 13.07 -13.80 13.82
C GLY A 261 12.56 -14.24 12.47
N TYR A 262 11.36 -13.78 12.08
CA TYR A 262 10.84 -14.01 10.74
C TYR A 262 10.87 -12.68 9.98
N ILE A 263 11.36 -12.72 8.76
CA ILE A 263 11.46 -11.51 7.95
C ILE A 263 10.10 -11.20 7.35
N ILE A 264 9.63 -9.98 7.57
CA ILE A 264 8.35 -9.48 7.08
C ILE A 264 8.68 -8.35 6.10
N LEU A 265 8.36 -8.56 4.81
CA LEU A 265 8.69 -7.62 3.74
C LEU A 265 7.45 -6.81 3.40
N MET A 266 7.54 -5.48 3.47
CA MET A 266 6.38 -4.64 3.20
C MET A 266 6.80 -3.29 2.64
N ASP A 267 5.80 -2.52 2.22
CA ASP A 267 6.04 -1.17 1.69
C ASP A 267 5.92 -0.18 2.83
N LEU A 268 4.69 0.13 3.23
CA LEU A 268 4.45 0.99 4.38
C LEU A 268 4.66 0.17 5.65
N VAL A 269 5.21 0.79 6.68
CA VAL A 269 5.31 0.15 7.99
C VAL A 269 4.37 0.87 8.95
N THR A 270 3.32 0.18 9.41
CA THR A 270 2.28 0.81 10.24
C THR A 270 1.84 -0.09 11.37
N PRO A 271 1.37 0.49 12.49
CA PRO A 271 0.92 -0.34 13.62
C PRO A 271 -0.17 -1.32 13.24
N GLU A 272 -1.05 -0.95 12.30
CA GLU A 272 -2.10 -1.88 11.89
C GLU A 272 -1.51 -3.12 11.23
N GLN A 273 -0.56 -2.90 10.31
CA GLN A 273 0.02 -4.04 9.62
C GLN A 273 0.87 -4.92 10.54
N LEU A 274 1.44 -4.36 11.60
CA LEU A 274 2.18 -5.24 12.50
C LEU A 274 1.26 -5.96 13.50
N LEU A 275 0.06 -5.45 13.76
CA LEU A 275 -0.84 -6.10 14.71
C LEU A 275 -1.31 -7.45 14.20
N ALA A 276 -1.50 -7.57 12.89
CA ALA A 276 -2.03 -8.80 12.29
C ALA A 276 -1.08 -9.99 12.45
N PHE A 277 0.23 -9.76 12.52
CA PHE A 277 1.19 -10.84 12.73
C PHE A 277 1.43 -11.00 14.22
N LYS A 278 1.37 -12.23 14.71
CA LYS A 278 1.30 -12.37 16.16
C LYS A 278 2.72 -12.61 16.69
N ALA A 279 3.53 -11.56 16.62
CA ALA A 279 4.89 -11.61 17.13
C ALA A 279 4.95 -10.96 18.50
N ASP A 280 5.94 -11.38 19.30
CA ASP A 280 6.20 -10.76 20.60
C ASP A 280 6.74 -9.35 20.47
N ALA A 281 7.52 -9.08 19.43
CA ALA A 281 8.22 -7.81 19.31
C ALA A 281 8.70 -7.74 17.87
N TYR A 282 9.16 -6.56 17.48
CA TYR A 282 9.54 -6.33 16.11
C TYR A 282 10.88 -5.64 16.09
N VAL A 283 11.63 -5.89 15.03
CA VAL A 283 12.86 -5.17 14.73
C VAL A 283 12.67 -4.44 13.42
N ASN A 284 12.78 -3.12 13.44
CA ASN A 284 12.59 -2.29 12.25
C ASN A 284 13.91 -2.06 11.54
N THR A 285 14.07 -2.61 10.32
CA THR A 285 15.17 -2.19 9.45
C THR A 285 14.77 -1.15 8.40
N ALA A 286 13.51 -0.71 8.37
CA ALA A 286 13.12 0.36 7.43
C ALA A 286 13.49 1.70 8.06
N CYS A 287 12.74 2.76 7.75
CA CYS A 287 13.07 4.10 8.26
C CYS A 287 13.25 4.10 9.77
N PRO A 288 14.41 4.50 10.30
CA PRO A 288 14.62 4.45 11.77
C PRO A 288 13.74 5.41 12.56
N ARG A 289 13.24 6.48 11.95
CA ARG A 289 12.35 7.36 12.70
C ARG A 289 11.00 6.72 12.97
N ILE A 290 10.56 5.78 12.13
CA ILE A 290 9.41 4.96 12.49
C ILE A 290 9.59 4.41 13.90
N THR A 291 10.77 3.85 14.16
CA THR A 291 11.05 3.23 15.46
C THR A 291 10.85 4.21 16.61
N ILE A 292 11.34 5.44 16.47
CA ILE A 292 11.24 6.43 17.54
C ILE A 292 9.90 7.16 17.50
N ASP A 293 9.53 7.74 16.36
CA ASP A 293 8.39 8.65 16.33
C ASP A 293 7.09 7.93 16.69
N ASP A 294 6.79 6.84 15.97
CA ASP A 294 5.54 6.12 16.11
C ASP A 294 5.60 5.04 17.18
N ALA A 295 6.46 5.21 18.20
CA ALA A 295 6.73 4.15 19.15
C ALA A 295 5.51 3.79 19.99
N GLU A 296 4.92 4.77 20.70
CA GLU A 296 3.80 4.44 21.58
C GLU A 296 2.60 3.94 20.77
N ARG A 297 2.57 4.18 19.46
CA ARG A 297 1.46 3.78 18.60
C ARG A 297 1.47 2.28 18.27
N PHE A 298 2.65 1.64 18.24
CA PHE A 298 2.70 0.20 18.01
C PHE A 298 2.29 -0.55 19.28
N HIS A 299 1.72 -1.74 19.10
CA HIS A 299 1.13 -2.46 20.21
C HIS A 299 2.03 -3.56 20.78
N ALA A 300 3.20 -3.77 20.18
CA ALA A 300 4.30 -4.55 20.72
C ALA A 300 5.56 -3.72 20.60
N PRO A 301 6.65 -4.10 21.28
CA PRO A 301 7.90 -3.33 21.15
C PRO A 301 8.47 -3.39 19.73
N VAL A 302 8.88 -2.21 19.22
CA VAL A 302 9.58 -2.08 17.96
C VAL A 302 10.99 -1.57 18.26
N LEU A 303 12.00 -2.26 17.76
CA LEU A 303 13.38 -2.02 18.15
C LEU A 303 14.20 -1.64 16.92
N THR A 304 15.23 -0.80 17.15
CA THR A 304 16.24 -0.63 16.14
C THR A 304 17.11 -1.87 16.07
N PRO A 305 17.82 -2.05 14.95
CA PRO A 305 18.83 -3.14 14.88
C PRO A 305 19.73 -3.21 16.09
N GLN A 306 20.23 -2.06 16.54
CA GLN A 306 21.21 -2.05 17.62
C GLN A 306 20.56 -2.42 18.96
N GLU A 307 19.33 -1.97 19.22
CA GLU A 307 18.63 -2.38 20.44
C GLU A 307 18.30 -3.87 20.42
N PHE A 308 17.95 -4.39 19.24
CA PHE A 308 17.76 -5.84 19.08
C PHE A 308 19.00 -6.59 19.54
N GLU A 309 20.17 -6.14 19.08
CA GLU A 309 21.41 -6.81 19.46
C GLU A 309 21.64 -6.76 20.97
N ILE A 310 21.23 -5.66 21.61
CA ILE A 310 21.38 -5.57 23.06
C ILE A 310 20.41 -6.53 23.75
N VAL A 311 19.19 -6.63 23.25
CA VAL A 311 18.20 -7.57 23.80
C VAL A 311 18.70 -9.00 23.68
N LEU A 312 19.36 -9.32 22.58
CA LEU A 312 19.83 -10.68 22.33
C LEU A 312 21.10 -11.02 23.08
N GLY A 313 21.82 -10.03 23.59
CA GLY A 313 23.09 -10.28 24.23
C GLY A 313 24.29 -10.16 23.31
N GLU A 314 24.09 -9.69 22.09
CA GLU A 314 25.17 -9.54 21.11
C GLU A 314 25.88 -8.19 21.22
N ARG A 315 25.30 -7.22 21.92
CA ARG A 315 25.86 -5.88 22.05
C ARG A 315 25.54 -5.36 23.45
N ARG A 316 26.49 -4.66 24.06
CA ARG A 316 26.28 -4.12 25.40
C ARG A 316 25.52 -2.80 25.33
N TRP A 317 24.71 -2.55 26.36
CA TRP A 317 23.86 -1.36 26.36
C TRP A 317 24.68 -0.08 26.23
N GLU A 318 25.88 -0.07 26.82
CA GLU A 318 26.75 1.10 26.71
C GLU A 318 27.16 1.37 25.26
N ASN A 319 27.15 0.33 24.41
CA ASN A 319 27.54 0.47 23.01
C ASN A 319 26.34 0.87 22.16
N MET A 320 25.46 1.70 22.74
CA MET A 320 24.25 2.13 22.06
C MET A 320 24.56 3.22 21.03
N GLU A 321 23.93 3.10 19.85
CA GLU A 321 24.15 4.00 18.72
C GLU A 321 22.83 4.26 18.02
N MET A 322 22.75 5.42 17.35
CA MET A 322 21.62 5.73 16.50
C MET A 322 21.60 4.83 15.28
N ASP A 323 20.41 4.37 14.91
CA ASP A 323 20.25 3.62 13.66
C ASP A 323 20.44 4.58 12.48
N GLU A 324 21.41 4.27 11.62
CA GLU A 324 21.72 5.08 10.45
C GLU A 324 21.62 4.26 9.18
N MET A 325 21.41 4.93 8.07
CA MET A 325 21.42 4.27 6.77
C MET A 325 22.53 4.82 5.87
N ASP B 11 -3.18 -29.14 3.02
CA ASP B 11 -2.93 -27.71 3.15
C ASP B 11 -1.45 -27.46 3.38
N LEU B 12 -1.04 -27.55 4.65
CA LEU B 12 0.38 -27.43 4.98
C LEU B 12 1.18 -28.58 4.38
N GLU B 13 0.57 -29.76 4.24
CA GLU B 13 1.26 -30.90 3.64
C GLU B 13 1.57 -30.65 2.17
N ARG B 14 0.68 -29.95 1.46
CA ARG B 14 0.93 -29.60 0.07
C ARG B 14 2.11 -28.64 -0.04
N ILE B 15 2.14 -27.63 0.82
CA ILE B 15 3.24 -26.67 0.84
C ILE B 15 4.58 -27.37 1.09
N LEU B 16 4.64 -28.19 2.15
CA LEU B 16 5.90 -28.88 2.47
C LEU B 16 6.36 -29.77 1.32
N LYS B 17 5.43 -30.52 0.73
CA LYS B 17 5.76 -31.38 -0.39
C LYS B 17 6.25 -30.57 -1.58
N THR B 18 5.57 -29.47 -1.88
CA THR B 18 5.99 -28.60 -2.98
C THR B 18 7.39 -28.06 -2.76
N ILE B 19 7.66 -27.60 -1.53
CA ILE B 19 8.99 -27.09 -1.22
C ILE B 19 10.06 -28.16 -1.42
N LYS B 20 9.78 -29.39 -0.98
CA LYS B 20 10.78 -30.45 -1.10
C LYS B 20 10.88 -30.96 -2.53
N ASP B 21 9.75 -31.13 -3.23
CA ASP B 21 9.78 -31.49 -4.64
C ASP B 21 10.52 -30.47 -5.50
N LYS B 22 10.36 -29.18 -5.20
CA LYS B 22 10.98 -28.12 -5.99
C LYS B 22 12.28 -27.64 -5.37
N ASN B 23 12.72 -28.27 -4.29
CA ASN B 23 13.94 -27.94 -3.55
C ASN B 23 14.09 -26.43 -3.30
N CYS B 24 13.03 -25.80 -2.77
CA CYS B 24 13.06 -24.36 -2.54
C CYS B 24 13.97 -24.01 -1.35
N LYS B 25 14.75 -22.95 -1.52
CA LYS B 25 15.54 -22.41 -0.43
C LYS B 25 14.97 -21.14 0.15
N LYS B 26 14.27 -20.36 -0.65
CA LYS B 26 13.64 -19.12 -0.21
C LYS B 26 12.16 -19.19 -0.56
N VAL B 27 11.30 -19.05 0.45
CA VAL B 27 9.85 -19.22 0.28
C VAL B 27 9.18 -17.92 0.73
N GLY B 28 8.21 -17.46 -0.07
CA GLY B 28 7.37 -16.32 0.29
C GLY B 28 5.96 -16.75 0.67
N LEU B 29 5.38 -16.05 1.65
CA LEU B 29 3.99 -16.24 2.05
C LEU B 29 3.20 -14.94 1.94
N GLN B 30 2.01 -15.05 1.36
CA GLN B 30 1.10 -13.91 1.27
C GLN B 30 -0.31 -14.31 1.65
N PHE B 31 -0.91 -13.57 2.60
CA PHE B 31 -2.24 -13.83 3.15
C PHE B 31 -3.18 -12.64 2.98
N PRO B 32 -4.46 -12.90 2.74
CA PRO B 32 -5.47 -11.85 2.95
C PRO B 32 -5.59 -11.52 4.43
N GLU B 33 -6.31 -10.42 4.75
CA GLU B 33 -6.21 -9.87 6.09
C GLU B 33 -6.67 -10.88 7.16
N GLY B 34 -7.72 -11.63 6.88
CA GLY B 34 -8.21 -12.57 7.86
C GLY B 34 -7.22 -13.66 8.21
N LEU B 35 -6.25 -13.94 7.33
CA LEU B 35 -5.36 -15.07 7.55
C LEU B 35 -3.93 -14.67 7.94
N LYS B 36 -3.60 -13.38 7.93
CA LYS B 36 -2.29 -12.98 8.46
C LYS B 36 -2.09 -13.48 9.89
N ARG B 37 -3.17 -13.69 10.62
CA ARG B 37 -3.07 -14.26 11.97
C ARG B 37 -2.36 -15.61 11.98
N GLN B 38 -2.35 -16.34 10.87
CA GLN B 38 -1.68 -17.63 10.84
C GLN B 38 -0.25 -17.53 10.31
N ALA B 39 0.18 -16.36 9.84
CA ALA B 39 1.43 -16.25 9.06
C ALA B 39 2.62 -16.82 9.82
N ILE B 40 2.79 -16.41 11.07
CA ILE B 40 3.98 -16.83 11.81
C ILE B 40 3.96 -18.33 12.02
N ASN B 41 2.80 -18.88 12.37
N ASN B 41 2.80 -18.87 12.36
CA ASN B 41 2.75 -20.31 12.59
CA ASN B 41 2.69 -20.31 12.59
C ASN B 41 3.12 -21.09 11.34
C ASN B 41 3.08 -21.09 11.35
N ILE B 42 2.68 -20.62 10.18
CA ILE B 42 2.99 -21.33 8.94
C ILE B 42 4.47 -21.18 8.60
N ALA B 43 5.03 -19.98 8.78
CA ALA B 43 6.46 -19.80 8.59
C ALA B 43 7.26 -20.73 9.51
N ARG B 44 6.87 -20.82 10.79
CA ARG B 44 7.59 -21.68 11.73
C ARG B 44 7.58 -23.13 11.26
N GLU B 45 6.39 -23.63 10.89
CA GLU B 45 6.28 -24.99 10.40
C GLU B 45 7.21 -25.23 9.22
N ILE B 46 7.24 -24.27 8.28
CA ILE B 46 8.08 -24.42 7.09
C ILE B 46 9.56 -24.42 7.47
N GLU B 47 9.97 -23.51 8.36
CA GLU B 47 11.39 -23.40 8.65
C GLU B 47 11.88 -24.56 9.53
N GLU B 48 11.01 -25.17 10.31
CA GLU B 48 11.42 -26.33 11.11
C GLU B 48 11.45 -27.61 10.28
N LYS B 49 10.50 -27.77 9.36
CA LYS B 49 10.39 -29.03 8.64
C LYS B 49 11.05 -29.01 7.27
N THR B 50 11.53 -27.86 6.80
CA THR B 50 12.30 -27.81 5.57
C THR B 50 13.59 -27.05 5.84
N ARG B 51 14.44 -26.95 4.83
CA ARG B 51 15.60 -26.08 4.92
C ARG B 51 15.32 -24.67 4.44
N ALA B 52 14.10 -24.37 4.01
CA ALA B 52 13.81 -23.08 3.40
C ALA B 52 13.79 -21.94 4.42
N ASN B 53 14.14 -20.75 3.94
CA ASN B 53 13.96 -19.50 4.67
C ASN B 53 12.66 -18.87 4.21
N VAL B 54 11.85 -18.38 5.15
CA VAL B 54 10.55 -17.78 4.84
C VAL B 54 10.63 -16.25 4.88
N ILE B 55 10.02 -15.62 3.87
CA ILE B 55 9.71 -14.18 3.93
C ILE B 55 8.20 -14.03 3.81
N ILE B 56 7.60 -13.32 4.76
CA ILE B 56 6.16 -13.05 4.80
C ILE B 56 5.88 -11.68 4.21
N SER B 57 4.94 -11.61 3.27
CA SER B 57 4.50 -10.29 2.79
C SER B 57 3.71 -9.55 3.86
N GLY B 58 4.17 -8.35 4.23
CA GLY B 58 3.42 -7.60 5.23
C GLY B 58 2.42 -6.59 4.72
N ASN B 59 2.25 -6.42 3.41
CA ASN B 59 1.27 -5.44 2.92
C ASN B 59 -0.15 -5.99 2.99
N PRO B 60 -1.14 -5.10 2.99
CA PRO B 60 -2.51 -5.56 2.79
C PRO B 60 -2.58 -6.38 1.51
N CYS B 61 -3.40 -7.41 1.52
CA CYS B 61 -3.62 -8.23 0.34
C CYS B 61 -5.11 -8.43 0.21
N PHE B 62 -5.67 -8.03 -0.92
CA PHE B 62 -7.12 -8.04 -1.04
C PHE B 62 -7.65 -9.19 -1.88
N GLY B 63 -6.78 -9.92 -2.56
CA GLY B 63 -7.21 -11.01 -3.40
C GLY B 63 -6.12 -11.41 -4.37
N ALA B 64 -6.47 -12.33 -5.25
CA ALA B 64 -5.57 -12.78 -6.29
C ALA B 64 -5.28 -11.69 -7.33
N CYS B 65 -6.01 -10.57 -7.30
CA CYS B 65 -5.69 -9.36 -8.03
C CYS B 65 -4.55 -8.56 -7.41
N ASP B 66 -4.03 -9.00 -6.28
CA ASP B 66 -3.15 -8.21 -5.45
C ASP B 66 -1.98 -9.09 -5.03
N ILE B 67 -1.25 -9.58 -6.03
CA ILE B 67 -0.09 -10.45 -5.82
C ILE B 67 1.09 -9.58 -5.41
N ASP B 68 1.87 -10.07 -4.45
CA ASP B 68 3.07 -9.37 -4.03
C ASP B 68 4.20 -9.78 -4.99
N THR B 69 4.25 -9.10 -6.14
CA THR B 69 5.20 -9.49 -7.17
C THR B 69 6.62 -9.09 -6.83
N ILE B 70 6.81 -8.08 -5.98
CA ILE B 70 8.17 -7.79 -5.51
C ILE B 70 8.67 -8.98 -4.71
N LEU B 71 7.85 -9.47 -3.78
CA LEU B 71 8.20 -10.65 -3.01
C LEU B 71 8.40 -11.85 -3.90
N ALA B 72 7.48 -12.05 -4.86
CA ALA B 72 7.56 -13.22 -5.73
C ALA B 72 8.84 -13.20 -6.57
N GLY B 73 9.30 -12.01 -6.95
CA GLY B 73 10.56 -11.88 -7.65
C GLY B 73 11.79 -12.01 -6.77
N SER B 74 11.62 -12.29 -5.49
CA SER B 74 12.73 -12.43 -4.55
C SER B 74 12.83 -13.83 -3.94
N VAL B 75 11.97 -14.77 -4.33
CA VAL B 75 11.88 -16.08 -3.70
C VAL B 75 11.75 -17.14 -4.78
N ASP B 76 12.08 -18.38 -4.41
CA ASP B 76 11.90 -19.49 -5.33
C ASP B 76 10.42 -19.72 -5.62
N ILE B 77 9.57 -19.60 -4.61
CA ILE B 77 8.14 -19.81 -4.78
C ILE B 77 7.39 -18.96 -3.76
N LEU B 78 6.33 -18.30 -4.22
CA LEU B 78 5.44 -17.56 -3.33
C LEU B 78 4.14 -18.34 -3.21
N PHE B 79 3.76 -18.66 -1.97
CA PHE B 79 2.47 -19.24 -1.66
C PHE B 79 1.51 -18.11 -1.31
N HIS B 80 0.43 -18.03 -2.07
CA HIS B 80 -0.57 -16.98 -1.93
C HIS B 80 -1.87 -17.67 -1.48
N PHE B 81 -2.42 -17.23 -0.36
CA PHE B 81 -3.49 -17.93 0.34
C PHE B 81 -4.86 -17.30 0.11
N GLY B 82 -5.90 -18.09 0.28
CA GLY B 82 -7.26 -17.62 0.42
C GLY B 82 -8.03 -17.41 -0.87
N HIS B 83 -7.35 -17.22 -2.01
CA HIS B 83 -8.03 -16.91 -3.25
C HIS B 83 -7.70 -17.96 -4.31
N ALA B 84 -8.59 -18.10 -5.27
CA ALA B 84 -8.31 -18.87 -6.47
C ALA B 84 -7.32 -18.11 -7.33
N GLY B 85 -6.55 -18.86 -8.12
CA GLY B 85 -5.56 -18.23 -8.97
C GLY B 85 -6.15 -17.20 -9.91
N MET B 86 -5.26 -16.37 -10.43
CA MET B 86 -5.61 -15.34 -11.41
C MET B 86 -4.32 -14.92 -12.10
N GLY B 87 -4.43 -14.48 -13.35
CA GLY B 87 -3.22 -14.14 -14.09
C GLY B 87 -2.37 -15.37 -14.38
N GLU B 88 -1.10 -15.12 -14.67
CA GLU B 88 -0.16 -16.20 -15.01
C GLU B 88 1.22 -15.78 -14.50
N TYR B 89 1.49 -16.11 -13.24
CA TYR B 89 2.77 -15.85 -12.60
C TYR B 89 3.51 -17.16 -12.43
N GLU B 90 4.77 -17.17 -12.85
CA GLU B 90 5.48 -18.43 -12.98
C GLU B 90 5.66 -19.13 -11.63
N ASN B 91 5.93 -18.39 -10.57
CA ASN B 91 6.34 -19.04 -9.31
C ASN B 91 5.37 -18.79 -8.17
N VAL B 92 4.10 -18.56 -8.49
CA VAL B 92 3.06 -18.34 -7.49
C VAL B 92 2.17 -19.56 -7.41
N VAL B 93 2.02 -20.09 -6.21
CA VAL B 93 1.15 -21.23 -5.93
C VAL B 93 -0.02 -20.70 -5.10
N PHE B 94 -1.25 -20.95 -5.57
CA PHE B 94 -2.43 -20.50 -4.87
C PHE B 94 -2.97 -21.61 -3.98
N ILE B 95 -3.04 -21.36 -2.67
CA ILE B 95 -3.67 -22.27 -1.73
C ILE B 95 -5.04 -21.67 -1.44
N GLU B 96 -6.07 -22.25 -2.05
N GLU B 96 -6.08 -22.30 -1.97
CA GLU B 96 -7.35 -21.57 -1.98
CA GLU B 96 -7.37 -21.62 -2.07
C GLU B 96 -8.05 -21.87 -0.66
C GLU B 96 -8.13 -21.59 -0.74
N ALA B 97 -8.97 -20.97 -0.30
N ALA B 97 -7.93 -22.57 0.14
CA ALA B 97 -9.76 -21.08 0.92
CA ALA B 97 -8.61 -22.63 1.43
C ALA B 97 -11.04 -21.82 0.57
C ALA B 97 -10.13 -22.57 1.29
N ARG B 98 -11.08 -23.13 0.86
N ARG B 98 -10.75 -23.70 0.94
CA ARG B 98 -12.25 -23.96 0.61
CA ARG B 98 -12.19 -23.78 0.70
C ARG B 98 -12.98 -24.20 1.93
C ARG B 98 -12.95 -24.12 1.99
N SER B 99 -14.25 -23.83 1.99
CA SER B 99 -15.10 -24.04 3.16
C SER B 99 -15.90 -25.33 3.03
N ASN B 100 -16.09 -26.01 4.16
CA ASN B 100 -16.72 -27.34 4.17
C ASN B 100 -18.19 -27.31 4.60
N ILE B 101 -18.79 -26.12 4.71
CA ILE B 101 -20.20 -26.05 5.10
C ILE B 101 -21.06 -26.73 4.05
N ASP B 102 -22.05 -27.50 4.52
CA ASP B 102 -23.06 -28.05 3.64
C ASP B 102 -23.90 -26.91 3.07
N ILE B 103 -23.89 -26.74 1.74
CA ILE B 103 -24.69 -25.68 1.12
C ILE B 103 -26.06 -26.15 0.69
N ILE B 104 -26.29 -27.47 0.66
CA ILE B 104 -27.58 -27.98 0.17
C ILE B 104 -28.77 -27.47 0.98
N PRO B 105 -28.70 -27.32 2.31
CA PRO B 105 -29.86 -26.74 3.03
C PRO B 105 -30.23 -25.35 2.56
N ALA B 106 -29.23 -24.48 2.33
CA ALA B 106 -29.51 -23.16 1.76
C ALA B 106 -30.14 -23.27 0.38
N VAL B 107 -29.64 -24.18 -0.47
CA VAL B 107 -30.24 -24.41 -1.79
C VAL B 107 -31.72 -24.77 -1.66
N LYS B 108 -32.03 -25.67 -0.73
CA LYS B 108 -33.43 -26.06 -0.52
C LYS B 108 -34.27 -24.87 -0.13
N THR B 109 -33.79 -24.05 0.79
CA THR B 109 -34.52 -22.84 1.15
C THR B 109 -34.76 -21.97 -0.06
N ALA B 110 -33.74 -21.82 -0.92
CA ALA B 110 -33.86 -20.94 -2.07
C ALA B 110 -34.85 -21.49 -3.08
N LEU B 111 -35.02 -22.80 -3.12
CA LEU B 111 -36.00 -23.39 -4.03
C LEU B 111 -37.42 -22.93 -3.72
N ASN B 112 -37.72 -22.65 -2.44
CA ASN B 112 -39.00 -22.02 -2.10
C ASN B 112 -39.24 -20.77 -2.92
N LEU B 113 -38.20 -19.95 -3.07
CA LEU B 113 -38.36 -18.60 -3.60
C LEU B 113 -38.47 -18.56 -5.11
N LEU B 114 -38.01 -19.57 -5.82
CA LEU B 114 -37.93 -19.48 -7.27
C LEU B 114 -39.33 -19.38 -7.87
N LYS B 115 -39.40 -18.74 -9.04
CA LYS B 115 -40.64 -18.65 -9.79
C LYS B 115 -40.49 -19.12 -11.22
N ALA B 116 -39.30 -19.56 -11.61
CA ALA B 116 -39.04 -20.01 -12.96
C ALA B 116 -38.38 -21.38 -12.90
N ASN B 117 -38.31 -22.04 -14.06
CA ASN B 117 -37.81 -23.41 -14.10
C ASN B 117 -36.35 -23.53 -14.54
N ARG B 118 -35.78 -22.49 -15.14
CA ARG B 118 -34.42 -22.54 -15.69
C ARG B 118 -33.52 -21.69 -14.80
N ILE B 119 -32.67 -22.35 -13.99
CA ILE B 119 -31.95 -21.69 -12.91
C ILE B 119 -30.46 -21.67 -13.18
N GLY B 120 -29.84 -20.52 -12.93
CA GLY B 120 -28.38 -20.39 -12.89
C GLY B 120 -27.87 -20.43 -11.46
N LEU B 121 -26.73 -21.11 -11.28
CA LEU B 121 -26.03 -21.17 -10.00
C LEU B 121 -24.72 -20.39 -10.09
N ILE B 122 -24.45 -19.53 -9.09
CA ILE B 122 -23.14 -18.89 -8.94
C ILE B 122 -22.79 -18.85 -7.46
N THR B 123 -21.50 -18.59 -7.18
CA THR B 123 -21.01 -18.60 -5.79
C THR B 123 -19.63 -17.95 -5.77
N THR B 124 -19.01 -17.96 -4.60
CA THR B 124 -17.63 -17.54 -4.44
C THR B 124 -16.71 -18.76 -4.34
N VAL B 125 -15.40 -18.49 -4.29
CA VAL B 125 -14.42 -19.56 -4.41
C VAL B 125 -14.60 -20.63 -3.33
N GLN B 126 -14.98 -20.22 -2.12
CA GLN B 126 -15.04 -21.21 -1.05
C GLN B 126 -16.17 -22.23 -1.21
N HIS B 127 -17.06 -22.07 -2.19
CA HIS B 127 -18.13 -23.03 -2.39
C HIS B 127 -18.16 -23.61 -3.80
N VAL B 128 -17.19 -23.26 -4.67
CA VAL B 128 -17.24 -23.70 -6.06
C VAL B 128 -17.17 -25.22 -6.17
N HIS B 129 -16.56 -25.89 -5.20
CA HIS B 129 -16.45 -27.34 -5.29
C HIS B 129 -17.76 -28.04 -4.99
N LYS B 130 -18.77 -27.33 -4.48
CA LYS B 130 -20.05 -27.93 -4.15
C LYS B 130 -21.15 -27.60 -5.13
N LEU B 131 -20.86 -26.74 -6.12
CA LEU B 131 -21.88 -26.29 -7.06
C LEU B 131 -22.45 -27.43 -7.87
N GLU B 132 -21.61 -28.40 -8.23
CA GLU B 132 -22.06 -29.55 -8.99
C GLU B 132 -23.09 -30.36 -8.20
N GLU B 133 -22.92 -30.43 -6.87
CA GLU B 133 -23.88 -31.13 -6.04
C GLU B 133 -25.18 -30.34 -5.91
N ALA B 134 -25.09 -29.03 -5.74
CA ALA B 134 -26.28 -28.19 -5.73
C ALA B 134 -27.04 -28.32 -7.04
N CYS B 135 -26.33 -28.25 -8.16
CA CYS B 135 -26.99 -28.36 -9.46
C CYS B 135 -27.75 -29.66 -9.57
N LYS B 136 -27.20 -30.75 -9.03
CA LYS B 136 -27.92 -32.02 -9.09
C LYS B 136 -29.19 -31.98 -8.27
N VAL B 137 -29.15 -31.35 -7.09
CA VAL B 137 -30.33 -31.30 -6.23
C VAL B 137 -31.44 -30.48 -6.89
N ILE B 138 -31.07 -29.35 -7.50
CA ILE B 138 -32.04 -28.47 -8.16
C ILE B 138 -32.73 -29.18 -9.31
N LYS B 139 -31.96 -29.95 -10.08
CA LYS B 139 -32.59 -30.72 -11.15
C LYS B 139 -33.44 -31.86 -10.58
N GLU B 140 -33.00 -32.49 -9.49
CA GLU B 140 -33.81 -33.54 -8.87
C GLU B 140 -35.15 -33.01 -8.40
N TYR B 141 -35.27 -31.69 -8.21
CA TYR B 141 -36.52 -31.07 -7.77
C TYR B 141 -37.31 -30.45 -8.93
N GLY B 142 -37.12 -30.95 -10.16
CA GLY B 142 -37.94 -30.57 -11.30
C GLY B 142 -37.38 -29.47 -12.17
N LYS B 143 -36.36 -28.75 -11.71
CA LYS B 143 -35.86 -27.59 -12.42
C LYS B 143 -34.79 -27.98 -13.43
N GLU B 144 -34.61 -27.12 -14.43
CA GLU B 144 -33.37 -27.06 -15.18
C GLU B 144 -32.37 -26.21 -14.40
N CYS B 145 -31.09 -26.54 -14.54
CA CYS B 145 -30.06 -25.83 -13.81
C CYS B 145 -28.78 -25.82 -14.62
N VAL B 146 -28.07 -24.69 -14.60
CA VAL B 146 -26.83 -24.53 -15.35
C VAL B 146 -25.82 -23.74 -14.53
N ILE B 147 -24.55 -24.06 -14.75
CA ILE B 147 -23.44 -23.38 -14.11
C ILE B 147 -22.61 -22.72 -15.22
N GLY B 148 -22.52 -21.40 -15.18
CA GLY B 148 -21.77 -20.70 -16.20
C GLY B 148 -20.27 -20.80 -16.00
N LYS B 149 -19.56 -20.93 -17.11
CA LYS B 149 -18.11 -20.97 -17.08
C LYS B 149 -17.55 -19.57 -16.85
N GLY B 150 -16.44 -19.49 -16.14
CA GLY B 150 -15.82 -18.22 -15.88
C GLY B 150 -14.97 -17.75 -17.05
N ASP B 151 -13.74 -17.32 -16.76
CA ASP B 151 -12.81 -16.85 -17.78
C ASP B 151 -11.40 -16.87 -17.18
N PRO B 152 -10.38 -16.28 -17.82
CA PRO B 152 -9.07 -16.19 -17.17
C PRO B 152 -9.05 -15.45 -15.82
N ARG B 153 -10.09 -14.69 -15.48
CA ARG B 153 -10.09 -14.04 -14.17
C ARG B 153 -10.84 -14.86 -13.13
N ALA B 154 -12.06 -15.29 -13.44
CA ALA B 154 -12.86 -16.15 -12.57
C ALA B 154 -12.72 -17.56 -13.13
N ILE B 155 -11.77 -18.32 -12.59
CA ILE B 155 -11.37 -19.59 -13.18
C ILE B 155 -12.51 -20.61 -13.12
N TYR B 156 -13.24 -20.71 -11.92
CA TYR B 156 -14.10 -21.87 -11.75
C TYR B 156 -15.49 -21.65 -12.34
N PRO B 157 -16.14 -22.71 -12.79
CA PRO B 157 -17.54 -22.58 -13.21
C PRO B 157 -18.39 -22.09 -12.05
N GLY B 158 -19.26 -21.12 -12.33
CA GLY B 158 -20.16 -20.58 -11.33
C GLY B 158 -19.53 -19.62 -10.34
N GLN B 159 -18.30 -19.18 -10.55
CA GLN B 159 -17.64 -18.31 -9.59
C GLN B 159 -17.79 -16.86 -10.01
N VAL B 160 -18.30 -16.03 -9.11
CA VAL B 160 -18.33 -14.58 -9.30
C VAL B 160 -17.37 -13.89 -8.35
N LEU B 161 -16.87 -12.74 -8.80
CA LEU B 161 -16.03 -11.84 -8.01
C LEU B 161 -16.71 -10.49 -7.99
N GLY B 162 -16.24 -9.62 -7.08
CA GLY B 162 -16.78 -8.26 -7.02
C GLY B 162 -16.63 -7.55 -8.35
N CYS B 163 -15.64 -7.97 -9.13
CA CYS B 163 -15.27 -7.33 -10.38
C CYS B 163 -15.52 -8.22 -11.60
N ASN B 164 -16.28 -9.31 -11.46
CA ASN B 164 -16.41 -10.23 -12.59
C ASN B 164 -17.69 -11.03 -12.46
N PHE B 165 -18.62 -10.87 -13.41
CA PHE B 165 -19.91 -11.56 -13.39
C PHE B 165 -20.10 -12.45 -14.62
N THR B 166 -19.00 -12.85 -15.25
CA THR B 166 -19.03 -13.73 -16.41
C THR B 166 -19.80 -15.02 -16.15
N ALA B 167 -19.64 -15.61 -14.96
CA ALA B 167 -20.32 -16.86 -14.64
C ALA B 167 -21.84 -16.72 -14.69
N ALA B 168 -22.35 -15.49 -14.60
CA ALA B 168 -23.78 -15.21 -14.66
C ALA B 168 -24.26 -14.98 -16.08
N ARG B 169 -23.37 -14.81 -17.05
CA ARG B 169 -23.79 -14.66 -18.43
C ARG B 169 -24.08 -16.05 -18.98
N VAL B 170 -25.26 -16.58 -18.60
CA VAL B 170 -25.74 -17.87 -19.05
C VAL B 170 -27.23 -17.78 -19.38
N ASP B 171 -27.70 -18.77 -20.12
CA ASP B 171 -29.11 -18.91 -20.46
C ASP B 171 -29.83 -19.49 -19.26
N CYS B 172 -30.54 -18.63 -18.54
CA CYS B 172 -31.37 -19.04 -17.41
C CYS B 172 -32.35 -17.92 -17.12
N GLU B 173 -33.40 -18.25 -16.37
CA GLU B 173 -34.41 -17.26 -16.02
C GLU B 173 -34.06 -16.52 -14.73
N GLU B 174 -33.63 -17.25 -13.71
CA GLU B 174 -33.29 -16.69 -12.41
C GLU B 174 -32.01 -17.35 -11.91
N PHE B 175 -31.45 -16.75 -10.86
CA PHE B 175 -30.22 -17.23 -10.24
C PHE B 175 -30.45 -17.59 -8.77
N ILE B 176 -29.69 -18.56 -8.30
CA ILE B 176 -29.38 -18.70 -6.89
C ILE B 176 -27.89 -18.39 -6.71
N TYR B 177 -27.59 -17.45 -5.82
CA TYR B 177 -26.22 -17.20 -5.39
C TYR B 177 -26.04 -17.86 -4.02
N ILE B 178 -24.96 -18.61 -3.87
CA ILE B 178 -24.67 -19.30 -2.61
C ILE B 178 -23.49 -18.58 -1.96
N GLY B 179 -23.72 -18.05 -0.77
CA GLY B 179 -22.68 -17.33 -0.04
C GLY B 179 -23.29 -16.31 0.90
N SER B 180 -22.41 -15.57 1.56
CA SER B 180 -22.82 -14.51 2.46
C SER B 180 -22.61 -13.16 1.78
N GLY B 181 -23.05 -12.10 2.46
CA GLY B 181 -23.01 -10.79 1.86
C GLY B 181 -23.98 -10.63 0.69
N ILE B 182 -24.30 -9.37 0.36
CA ILE B 182 -25.28 -9.10 -0.68
C ILE B 182 -24.69 -8.38 -1.87
N PHE B 183 -23.38 -8.05 -1.87
CA PHE B 183 -22.84 -7.32 -3.01
C PHE B 183 -22.79 -8.18 -4.26
N HIS B 184 -22.38 -9.45 -4.13
CA HIS B 184 -22.31 -10.31 -5.31
C HIS B 184 -23.67 -10.54 -5.97
N PRO B 185 -24.72 -10.98 -5.27
CA PRO B 185 -26.00 -11.16 -5.96
C PRO B 185 -26.57 -9.87 -6.50
N LEU B 186 -26.32 -8.74 -5.82
CA LEU B 186 -26.71 -7.44 -6.35
C LEU B 186 -26.10 -7.20 -7.73
N GLY B 187 -24.78 -7.37 -7.84
CA GLY B 187 -24.13 -7.20 -9.12
C GLY B 187 -24.70 -8.10 -10.20
N VAL B 188 -24.90 -9.38 -9.86
CA VAL B 188 -25.51 -10.31 -10.81
C VAL B 188 -26.89 -9.82 -11.23
N ALA B 189 -27.68 -9.35 -10.26
CA ALA B 189 -29.00 -8.83 -10.59
C ALA B 189 -28.90 -7.63 -11.53
N ILE B 190 -27.98 -6.69 -11.24
CA ILE B 190 -27.81 -5.51 -12.08
C ILE B 190 -27.18 -5.88 -13.43
N ALA B 191 -26.21 -6.81 -13.43
CA ALA B 191 -25.52 -7.15 -14.66
C ALA B 191 -26.39 -7.95 -15.63
N THR B 192 -27.33 -8.75 -15.13
CA THR B 192 -28.11 -9.63 -16.00
C THR B 192 -29.55 -9.17 -16.21
N LYS B 193 -30.05 -8.28 -15.36
CA LYS B 193 -31.46 -7.90 -15.34
C LYS B 193 -32.36 -9.08 -14.99
N LYS B 194 -31.85 -10.05 -14.24
CA LYS B 194 -32.62 -11.22 -13.85
C LYS B 194 -32.83 -11.25 -12.34
N ARG B 195 -33.81 -12.04 -11.91
CA ARG B 195 -34.06 -12.24 -10.49
C ARG B 195 -32.98 -13.12 -9.88
N VAL B 196 -32.54 -12.76 -8.68
CA VAL B 196 -31.48 -13.47 -7.97
C VAL B 196 -31.99 -13.79 -6.57
N ILE B 197 -31.83 -15.05 -6.16
CA ILE B 197 -32.07 -15.46 -4.79
C ILE B 197 -30.71 -15.68 -4.14
N ALA B 198 -30.47 -15.04 -3.00
CA ALA B 198 -29.21 -15.19 -2.29
C ALA B 198 -29.43 -16.14 -1.12
N ALA B 199 -28.70 -17.26 -1.12
CA ALA B 199 -28.85 -18.31 -0.11
C ALA B 199 -27.54 -18.42 0.67
N ASP B 200 -27.62 -18.14 1.97
CA ASP B 200 -26.43 -18.12 2.82
C ASP B 200 -26.31 -19.46 3.51
N PRO B 201 -25.28 -20.27 3.23
CA PRO B 201 -25.24 -21.64 3.80
C PRO B 201 -24.90 -21.69 5.28
N PHE B 202 -24.37 -20.59 5.85
CA PHE B 202 -23.99 -20.54 7.25
C PHE B 202 -25.19 -20.20 8.14
N LEU B 203 -26.07 -19.31 7.69
CA LEU B 203 -27.30 -19.02 8.39
C LEU B 203 -28.48 -19.83 7.86
N ASN B 204 -28.34 -20.47 6.71
CA ASN B 204 -29.40 -21.23 6.05
C ASN B 204 -30.67 -20.39 5.92
N GLN B 205 -30.53 -19.27 5.20
CA GLN B 205 -31.66 -18.45 4.82
C GLN B 205 -31.53 -18.13 3.34
N ALA B 206 -32.66 -17.85 2.69
CA ALA B 206 -32.67 -17.35 1.33
C ALA B 206 -33.50 -16.08 1.25
N VAL B 207 -33.01 -15.10 0.49
CA VAL B 207 -33.68 -13.82 0.32
C VAL B 207 -33.58 -13.43 -1.15
N GLU B 208 -34.60 -12.72 -1.62
CA GLU B 208 -34.57 -12.12 -2.94
C GLU B 208 -33.86 -10.77 -2.84
N VAL B 209 -32.80 -10.60 -3.62
CA VAL B 209 -32.04 -9.36 -3.59
C VAL B 209 -32.75 -8.32 -4.44
N SER B 210 -32.70 -7.07 -3.97
CA SER B 210 -33.32 -5.94 -4.67
C SER B 210 -32.26 -4.89 -4.93
N PRO B 211 -31.98 -4.56 -6.20
CA PRO B 211 -30.98 -3.54 -6.53
C PRO B 211 -31.43 -2.11 -6.29
N GLU B 212 -32.64 -1.87 -5.79
CA GLU B 212 -33.20 -0.52 -5.74
C GLU B 212 -32.42 0.37 -4.77
N ARG B 213 -32.31 -0.05 -3.51
CA ARG B 213 -31.52 0.72 -2.55
C ARG B 213 -30.08 0.92 -3.05
N PHE B 214 -29.53 -0.08 -3.74
CA PHE B 214 -28.18 0.05 -4.28
C PHE B 214 -28.11 1.17 -5.31
N LEU B 215 -29.02 1.15 -6.29
CA LEU B 215 -28.96 2.10 -7.38
C LEU B 215 -29.36 3.51 -6.92
N ARG B 216 -30.26 3.60 -5.96
CA ARG B 216 -30.57 4.88 -5.35
C ARG B 216 -29.35 5.47 -4.66
N LYS B 217 -28.56 4.63 -4.00
CA LYS B 217 -27.33 5.11 -3.39
C LYS B 217 -26.36 5.58 -4.47
N ARG B 218 -26.14 4.76 -5.49
CA ARG B 218 -25.23 5.19 -6.56
C ARG B 218 -25.76 6.43 -7.26
N GLY B 219 -27.09 6.55 -7.40
CA GLY B 219 -27.67 7.77 -7.92
C GLY B 219 -27.30 9.00 -7.14
N GLY B 220 -27.18 8.87 -5.81
CA GLY B 220 -26.83 9.99 -4.96
C GLY B 220 -25.42 10.51 -5.19
N TYR B 221 -24.46 9.62 -5.51
CA TYR B 221 -23.09 10.05 -5.74
C TYR B 221 -22.92 10.65 -7.12
N ILE B 222 -23.61 10.11 -8.12
CA ILE B 222 -23.60 10.74 -9.44
C ILE B 222 -24.12 12.17 -9.35
N ALA B 223 -25.20 12.36 -8.58
CA ALA B 223 -25.76 13.69 -8.44
C ALA B 223 -24.75 14.64 -7.82
N LYS B 224 -24.05 14.20 -6.76
CA LYS B 224 -23.05 15.05 -6.12
C LYS B 224 -21.88 15.37 -7.06
N ALA B 225 -21.51 14.42 -7.93
CA ALA B 225 -20.36 14.65 -8.80
C ALA B 225 -20.73 15.44 -10.07
N THR B 226 -22.01 15.73 -10.28
CA THR B 226 -22.45 16.34 -11.53
C THR B 226 -21.95 17.77 -11.68
N GLY B 227 -21.79 18.48 -10.57
CA GLY B 227 -21.22 19.81 -10.63
C GLY B 227 -19.71 19.86 -10.53
N ALA B 228 -19.04 18.69 -10.59
CA ALA B 228 -17.60 18.61 -10.44
C ALA B 228 -16.90 19.11 -11.70
N LYS B 229 -15.86 19.89 -11.51
CA LYS B 229 -15.09 20.40 -12.63
C LYS B 229 -13.77 19.67 -12.81
N ILE B 230 -13.16 19.23 -11.72
CA ILE B 230 -11.83 18.63 -11.73
C ILE B 230 -11.90 17.26 -11.07
N PHE B 231 -11.39 16.26 -11.77
CA PHE B 231 -11.44 14.85 -11.36
C PHE B 231 -10.03 14.29 -11.20
N GLY B 232 -9.82 13.52 -10.14
CA GLY B 232 -8.70 12.61 -10.07
C GLY B 232 -9.06 11.23 -10.61
N ILE B 233 -8.32 10.74 -11.59
CA ILE B 233 -8.57 9.42 -12.15
C ILE B 233 -7.57 8.46 -11.50
N ILE B 234 -8.08 7.57 -10.65
CA ILE B 234 -7.23 6.70 -9.83
C ILE B 234 -6.88 5.44 -10.59
N VAL B 235 -5.57 5.14 -10.64
CA VAL B 235 -5.05 3.89 -11.16
C VAL B 235 -4.26 3.21 -10.05
N SER B 236 -4.49 1.89 -9.87
CA SER B 236 -3.72 1.11 -8.90
C SER B 236 -2.64 0.31 -9.61
N THR B 237 -1.45 0.31 -9.02
CA THR B 237 -0.39 -0.55 -9.52
C THR B 237 -0.54 -2.01 -9.10
N LYS B 238 -1.57 -2.37 -8.34
CA LYS B 238 -1.70 -3.77 -7.95
C LYS B 238 -1.78 -4.66 -9.19
N SER B 239 -1.34 -5.91 -9.01
CA SER B 239 -1.05 -6.76 -10.15
C SER B 239 -2.28 -6.97 -11.03
N GLY B 240 -3.44 -7.16 -10.40
CA GLY B 240 -4.65 -7.39 -11.18
C GLY B 240 -5.65 -6.26 -11.18
N GLN B 241 -5.23 -5.03 -10.82
CA GLN B 241 -6.14 -3.89 -10.74
C GLN B 241 -5.72 -2.71 -11.60
N TYR B 242 -4.66 -2.87 -12.40
CA TYR B 242 -4.06 -1.77 -13.13
C TYR B 242 -4.80 -1.56 -14.44
N ARG B 243 -5.38 -0.36 -14.62
CA ARG B 243 -6.23 -0.02 -15.78
C ARG B 243 -5.86 1.34 -16.34
N MET B 244 -4.58 1.49 -16.69
CA MET B 244 -4.06 2.77 -17.19
C MET B 244 -4.64 3.13 -18.56
N LYS B 245 -4.76 2.16 -19.48
CA LYS B 245 -5.36 2.48 -20.77
C LYS B 245 -6.79 2.99 -20.62
N LEU B 246 -7.57 2.36 -19.74
CA LEU B 246 -8.89 2.89 -19.44
C LEU B 246 -8.79 4.30 -18.89
N ALA B 247 -7.85 4.52 -17.96
CA ALA B 247 -7.75 5.83 -17.32
C ALA B 247 -7.40 6.89 -18.34
N GLN B 248 -6.47 6.58 -19.24
N GLN B 248 -6.49 6.58 -19.26
CA GLN B 248 -6.11 7.50 -20.32
CA GLN B 248 -6.12 7.53 -20.30
C GLN B 248 -7.32 7.81 -21.18
C GLN B 248 -7.30 7.80 -21.21
N LYS B 249 -8.14 6.79 -21.45
CA LYS B 249 -9.37 7.01 -22.20
C LYS B 249 -10.30 7.97 -21.47
N LEU B 250 -10.52 7.73 -20.17
CA LEU B 250 -11.47 8.56 -19.42
C LEU B 250 -11.00 10.02 -19.32
N LYS B 251 -9.69 10.25 -19.30
CA LYS B 251 -9.16 11.60 -19.28
C LYS B 251 -9.48 12.33 -20.60
N GLU B 252 -9.27 11.66 -21.73
CA GLU B 252 -9.71 12.20 -23.01
C GLU B 252 -11.22 12.44 -23.05
N ILE B 253 -12.00 11.51 -22.54
CA ILE B 253 -13.45 11.67 -22.58
C ILE B 253 -13.87 12.89 -21.75
N ALA B 254 -13.21 13.12 -20.63
CA ALA B 254 -13.53 14.28 -19.82
C ALA B 254 -13.20 15.58 -20.55
N ASP B 255 -12.05 15.62 -21.22
CA ASP B 255 -11.67 16.81 -21.97
C ASP B 255 -12.63 17.06 -23.13
N LYS B 256 -13.01 16.01 -23.84
CA LYS B 256 -14.02 16.13 -24.89
C LYS B 256 -15.30 16.80 -24.38
N HIS B 257 -15.60 16.66 -23.09
CA HIS B 257 -16.81 17.22 -22.51
C HIS B 257 -16.57 18.45 -21.65
N GLY B 258 -15.44 19.13 -21.85
CA GLY B 258 -15.20 20.38 -21.13
C GLY B 258 -14.93 20.22 -19.66
N LYS B 259 -14.39 19.08 -19.23
CA LYS B 259 -13.92 18.89 -17.87
C LYS B 259 -12.45 18.47 -17.91
N ILE B 260 -11.88 18.22 -16.73
CA ILE B 260 -10.47 17.91 -16.58
C ILE B 260 -10.33 16.71 -15.66
N GLY B 261 -9.54 15.74 -16.08
CA GLY B 261 -9.17 14.61 -15.24
C GLY B 261 -7.66 14.52 -15.18
N TYR B 262 -7.14 14.32 -13.97
CA TYR B 262 -5.71 14.10 -13.77
C TYR B 262 -5.50 12.68 -13.28
N ILE B 263 -4.58 11.97 -13.92
CA ILE B 263 -4.35 10.57 -13.58
C ILE B 263 -3.46 10.51 -12.35
N ILE B 264 -3.92 9.77 -11.34
CA ILE B 264 -3.19 9.58 -10.09
C ILE B 264 -2.90 8.10 -9.93
N LEU B 265 -1.61 7.76 -9.90
CA LEU B 265 -1.15 6.36 -9.85
C LEU B 265 -0.72 6.03 -8.43
N MET B 266 -1.33 4.99 -7.85
CA MET B 266 -1.04 4.63 -6.46
C MET B 266 -1.23 3.13 -6.27
N ASP B 267 -0.89 2.66 -5.08
CA ASP B 267 -0.97 1.23 -4.77
C ASP B 267 -2.26 0.96 -4.02
N LEU B 268 -2.31 1.32 -2.73
CA LEU B 268 -3.54 1.31 -1.96
C LEU B 268 -4.37 2.54 -2.29
N VAL B 269 -5.68 2.36 -2.43
CA VAL B 269 -6.60 3.48 -2.65
C VAL B 269 -7.37 3.70 -1.34
N THR B 270 -7.13 4.80 -0.66
CA THR B 270 -7.74 5.06 0.63
C THR B 270 -8.26 6.47 0.72
N PRO B 271 -9.25 6.72 1.61
CA PRO B 271 -9.75 8.09 1.79
C PRO B 271 -8.66 9.07 2.15
N GLU B 272 -7.72 8.67 3.00
CA GLU B 272 -6.69 9.61 3.43
C GLU B 272 -5.85 10.05 2.24
N GLN B 273 -5.55 9.12 1.34
CA GLN B 273 -4.74 9.49 0.19
C GLN B 273 -5.53 10.36 -0.78
N LEU B 274 -6.83 10.09 -0.94
CA LEU B 274 -7.60 10.92 -1.85
C LEU B 274 -7.83 12.32 -1.32
N LEU B 275 -7.88 12.48 0.01
CA LEU B 275 -8.13 13.79 0.61
C LEU B 275 -6.96 14.75 0.43
N ALA B 276 -5.75 14.22 0.29
CA ALA B 276 -4.57 15.07 0.10
C ALA B 276 -4.63 15.89 -1.18
N PHE B 277 -5.34 15.40 -2.21
CA PHE B 277 -5.49 16.08 -3.49
C PHE B 277 -6.80 16.88 -3.52
N LYS B 278 -6.76 18.06 -4.11
N LYS B 278 -6.74 18.03 -4.16
CA LYS B 278 -7.91 18.96 -4.05
CA LYS B 278 -7.83 19.00 -4.16
C LYS B 278 -8.91 18.72 -5.19
C LYS B 278 -8.86 18.74 -5.26
N ALA B 279 -9.02 17.49 -5.69
CA ALA B 279 -9.98 17.21 -6.76
C ALA B 279 -11.42 17.40 -6.27
N ASP B 280 -12.30 17.81 -7.17
CA ASP B 280 -13.71 17.88 -6.82
C ASP B 280 -14.32 16.48 -6.65
N ALA B 281 -13.81 15.49 -7.39
CA ALA B 281 -14.40 14.16 -7.43
C ALA B 281 -13.35 13.20 -7.98
N TYR B 282 -13.63 11.91 -7.88
CA TYR B 282 -12.70 10.91 -8.37
C TYR B 282 -13.40 9.85 -9.20
N VAL B 283 -12.65 9.28 -10.14
CA VAL B 283 -13.03 8.10 -10.89
C VAL B 283 -12.06 6.97 -10.54
N ASN B 284 -12.59 5.84 -10.08
CA ASN B 284 -11.76 4.75 -9.60
C ASN B 284 -11.68 3.67 -10.67
N THR B 285 -10.49 3.49 -11.27
CA THR B 285 -10.24 2.37 -12.17
C THR B 285 -9.56 1.17 -11.49
N ALA B 286 -9.32 1.25 -10.17
CA ALA B 286 -8.82 0.14 -9.37
C ALA B 286 -9.98 -0.78 -8.99
N CYS B 287 -9.85 -1.52 -7.89
CA CYS B 287 -10.88 -2.48 -7.46
C CYS B 287 -12.28 -1.85 -7.41
N PRO B 288 -13.24 -2.34 -8.20
CA PRO B 288 -14.59 -1.75 -8.20
C PRO B 288 -15.27 -1.73 -6.84
N ARG B 289 -14.91 -2.66 -5.96
CA ARG B 289 -15.59 -2.67 -4.68
C ARG B 289 -15.12 -1.54 -3.78
N ILE B 290 -13.95 -0.95 -4.06
CA ILE B 290 -13.60 0.29 -3.37
C ILE B 290 -14.71 1.30 -3.53
N THR B 291 -15.15 1.50 -4.79
CA THR B 291 -16.16 2.51 -5.09
C THR B 291 -17.41 2.29 -4.25
N ILE B 292 -17.87 1.04 -4.17
CA ILE B 292 -19.12 0.74 -3.49
C ILE B 292 -18.93 0.71 -1.97
N ASP B 293 -18.01 -0.14 -1.50
CA ASP B 293 -17.95 -0.42 -0.07
C ASP B 293 -17.52 0.79 0.73
N ASP B 294 -16.49 1.49 0.26
CA ASP B 294 -15.87 2.57 1.00
C ASP B 294 -16.47 3.94 0.66
N ALA B 295 -17.51 3.96 -0.19
CA ALA B 295 -18.18 5.18 -0.62
C ALA B 295 -18.36 6.20 0.50
N GLU B 296 -19.07 5.80 1.57
CA GLU B 296 -19.38 6.73 2.66
C GLU B 296 -18.15 7.27 3.38
N ARG B 297 -17.02 6.59 3.27
N ARG B 297 -17.01 6.59 3.30
CA ARG B 297 -15.79 6.96 3.98
CA ARG B 297 -15.83 7.04 4.02
C ARG B 297 -14.97 8.01 3.23
C ARG B 297 -14.98 8.05 3.23
N PHE B 298 -15.08 8.07 1.90
CA PHE B 298 -14.35 9.07 1.13
C PHE B 298 -14.96 10.45 1.31
N HIS B 299 -14.12 11.47 1.20
CA HIS B 299 -14.54 12.83 1.52
C HIS B 299 -14.99 13.62 0.29
N ALA B 300 -14.81 13.09 -0.90
CA ALA B 300 -15.39 13.57 -2.15
C ALA B 300 -16.03 12.40 -2.85
N PRO B 301 -16.90 12.62 -3.83
CA PRO B 301 -17.49 11.49 -4.56
C PRO B 301 -16.47 10.69 -5.35
N VAL B 302 -16.62 9.36 -5.30
CA VAL B 302 -15.81 8.40 -6.05
C VAL B 302 -16.74 7.61 -6.95
N LEU B 303 -16.42 7.55 -8.25
CA LEU B 303 -17.31 7.01 -9.25
C LEU B 303 -16.67 5.82 -9.96
N THR B 304 -17.52 4.91 -10.44
CA THR B 304 -17.07 3.89 -11.38
C THR B 304 -16.82 4.52 -12.74
N PRO B 305 -16.06 3.84 -13.61
CA PRO B 305 -15.87 4.36 -14.98
C PRO B 305 -17.18 4.66 -15.68
N GLN B 306 -18.16 3.76 -15.52
CA GLN B 306 -19.43 3.94 -16.21
C GLN B 306 -20.23 5.11 -15.60
N GLU B 307 -20.21 5.25 -14.27
CA GLU B 307 -20.88 6.40 -13.68
C GLU B 307 -20.24 7.70 -14.13
N PHE B 308 -18.91 7.68 -14.32
CA PHE B 308 -18.22 8.83 -14.90
C PHE B 308 -18.78 9.18 -16.27
N GLU B 309 -18.98 8.17 -17.11
CA GLU B 309 -19.54 8.42 -18.44
C GLU B 309 -20.93 9.02 -18.36
N ILE B 310 -21.72 8.63 -17.35
CA ILE B 310 -23.02 9.27 -17.14
C ILE B 310 -22.83 10.74 -16.79
N VAL B 311 -21.95 11.02 -15.81
CA VAL B 311 -21.75 12.39 -15.35
C VAL B 311 -21.29 13.28 -16.50
N LEU B 312 -20.50 12.72 -17.43
CA LEU B 312 -19.93 13.51 -18.51
C LEU B 312 -20.89 13.70 -19.66
N GLY B 313 -21.74 12.70 -19.92
CA GLY B 313 -22.68 12.76 -21.01
C GLY B 313 -22.41 11.73 -22.09
N GLU B 314 -21.90 10.55 -21.71
CA GLU B 314 -21.60 9.49 -22.65
C GLU B 314 -22.48 8.26 -22.44
N ARG B 315 -23.44 8.32 -21.53
CA ARG B 315 -24.19 7.12 -21.14
C ARG B 315 -25.47 7.56 -20.45
N ARG B 316 -26.62 7.11 -20.96
CA ARG B 316 -27.89 7.47 -20.34
C ARG B 316 -27.90 7.05 -18.87
N TRP B 317 -28.49 7.89 -18.01
CA TRP B 317 -28.39 7.68 -16.57
C TRP B 317 -28.97 6.34 -16.14
N GLU B 318 -29.92 5.79 -16.90
CA GLU B 318 -30.43 4.46 -16.64
C GLU B 318 -29.58 3.37 -17.28
N ASN B 319 -28.64 3.73 -18.15
CA ASN B 319 -27.78 2.76 -18.82
C ASN B 319 -26.73 2.19 -17.87
N MET B 320 -27.16 1.78 -16.68
CA MET B 320 -26.27 1.50 -15.56
C MET B 320 -25.76 0.07 -15.60
N GLU B 321 -24.44 -0.09 -15.60
CA GLU B 321 -23.79 -1.39 -15.59
C GLU B 321 -22.78 -1.49 -14.45
N MET B 322 -22.45 -2.72 -14.07
CA MET B 322 -21.43 -2.96 -13.06
C MET B 322 -20.04 -2.78 -13.67
N ASP B 323 -19.15 -2.14 -12.91
CA ASP B 323 -17.74 -2.05 -13.29
C ASP B 323 -17.10 -3.43 -13.15
N GLU B 324 -16.61 -3.97 -14.25
CA GLU B 324 -15.99 -5.28 -14.26
C GLU B 324 -14.56 -5.16 -14.76
N MET B 325 -13.69 -6.00 -14.20
CA MET B 325 -12.30 -6.08 -14.64
C MET B 325 -12.20 -7.08 -15.78
N ILE B 326 -11.95 -6.58 -16.99
CA ILE B 326 -11.74 -7.46 -18.13
C ILE B 326 -10.91 -6.72 -19.17
FE1 SF4 C . 13.75 8.53 4.77
FE2 SF4 C . 15.86 8.64 6.59
FE3 SF4 C . 13.32 7.98 7.46
FE4 SF4 C . 13.92 10.55 6.56
S1 SF4 C . 14.67 9.46 8.39
S2 SF4 C . 12.09 9.26 6.09
S3 SF4 C . 15.39 10.10 4.93
S4 SF4 C . 14.58 6.82 5.99
N SAM D . 12.54 12.33 6.05
CA SAM D . 12.67 13.54 6.86
C SAM D . 13.82 13.36 7.84
O SAM D . 14.89 12.88 7.44
OXT SAM D . 13.77 13.67 9.03
CB SAM D . 11.36 13.85 7.58
CG SAM D . 10.83 12.78 8.52
SD SAM D . 9.54 11.71 7.82
CE SAM D . 8.08 12.58 8.44
C5' SAM D . 9.66 10.41 9.08
C4' SAM D . 8.29 9.83 9.30
O4' SAM D . 7.89 9.25 8.07
C3' SAM D . 8.25 8.72 10.35
O3' SAM D . 7.80 9.22 11.58
C2' SAM D . 7.23 7.76 9.78
O2' SAM D . 5.98 8.13 10.33
C1' SAM D . 7.17 8.06 8.30
N9 SAM D . 7.77 6.97 7.50
C8 SAM D . 9.03 6.96 6.94
N7 SAM D . 9.18 5.78 6.30
C5 SAM D . 8.05 5.04 6.45
C6 SAM D . 7.70 3.77 6.03
N6 SAM D . 8.55 3.02 5.30
N1 SAM D . 6.45 3.29 6.35
C2 SAM D . 5.57 4.05 7.07
N3 SAM D . 5.94 5.30 7.50
C4 SAM D . 7.16 5.78 7.20
FE1 SF4 E . -9.68 -7.86 -6.40
FE2 SF4 E . -11.99 -7.87 -7.98
FE3 SF4 E . -11.64 -5.98 -5.98
FE4 SF4 E . -12.05 -8.72 -5.45
S1 SF4 E . -13.48 -7.18 -6.37
S2 SF4 E . -10.52 -7.22 -4.48
S3 SF4 E . -10.91 -9.67 -7.12
S4 SF4 E . -10.39 -6.23 -7.81
N SAM F . -11.68 -10.35 -3.87
CA SAM F . -12.87 -10.69 -3.09
C SAM F . -14.15 -10.35 -3.87
O SAM F . -14.15 -10.50 -5.08
OXT SAM F . -15.21 -9.95 -3.36
CB SAM F . -12.79 -10.00 -1.73
CG SAM F . -13.00 -8.50 -1.78
SD SAM F . -12.03 -7.50 -0.63
CE SAM F . -13.06 -7.38 0.86
C5' SAM F . -12.53 -5.94 -1.40
C4' SAM F . -12.22 -4.81 -0.45
O4' SAM F . -10.81 -4.71 -0.41
C3' SAM F . -12.79 -3.47 -0.88
O3' SAM F . -13.90 -3.20 -0.05
C2' SAM F . -11.66 -2.51 -0.59
O2' SAM F . -11.95 -1.91 0.64
C1' SAM F . -10.40 -3.37 -0.42
N9 SAM F . -9.49 -3.15 -1.56
C8 SAM F . -9.40 -3.87 -2.71
N7 SAM F . -8.46 -3.29 -3.49
C5 SAM F . -7.95 -2.21 -2.86
C6 SAM F . -6.97 -1.27 -3.21
N6 SAM F . -6.33 -1.32 -4.38
N1 SAM F . -6.69 -0.26 -2.31
C2 SAM F . -7.35 -0.17 -1.11
N3 SAM F . -8.31 -1.09 -0.78
C4 SAM F . -8.60 -2.10 -1.65
#